data_4OKV
#
_entry.id   4OKV
#
_cell.length_a   93.810
_cell.length_b   99.426
_cell.length_c   166.033
_cell.angle_alpha   90.000
_cell.angle_beta   90.000
_cell.angle_gamma   90.000
#
_symmetry.space_group_name_H-M   'P 21 21 21'
#
loop_
_entity.id
_entity.type
_entity.pdbx_description
1 polymer 'heavy chain of 8H7 mAb'
2 polymer 'light chain of 8H7 mAb'
3 polymer 'Anti-platelet aggregation protein'
4 water water
#
loop_
_entity_poly.entity_id
_entity_poly.type
_entity_poly.pdbx_seq_one_letter_code
_entity_poly.pdbx_strand_id
1 'polypeptide(L)'
;QVQLQQPGAELVRPGASVKLSCKASGYTFTSYWMNWVKQRPGQGLEWIGLIDPSDSETHYNQMFKDKATLTVDKSSSTAY
MQLSSLTSEDSAVYYCARGGTYWGQGTTLTVSAAKTTPPSVYPLAPGSAAQTNSMVTLGCLVKGYFPEPVTVTWNSGSLS
SGVHTFPAVLQSDLYTLSSSVTVPSSTWPSETVTCNVAHPASSTKVDKKIVPRDC
;
A,C
2 'polypeptide(L)'
;DVVMTQTPLTLSVTIGQPASIACKSSQSLLDSDGKTYLNWLLQRPGQSPKRLIYLVSKLDSGVPDRFTGSGSGTDFTLKI
SRVEAEDLGVYYCWQGTHFPYTFGGGTKLEIKRADAAPTVSIFPPSSEQLTSGGASVVCFLNNFYPKDINVKWKIDGSER
QNGVLNSWTDQDSKDSTYSMSSTLTLTKDEYERHNSYTCEATHKTSTSPIVKSFNRNA
;
B,D
3 'polypeptide(L)' KYSKIKECFDSLADDVKSLVEKSETSYEECSKDKNNPHCGSEGTRELDEGLIEREQKLSDCIVEKR E,F
#
# COMPACT_ATOMS: atom_id res chain seq x y z
N GLN A 1 3.42 22.71 16.60
CA GLN A 1 3.60 23.58 17.75
C GLN A 1 4.13 24.91 17.26
N VAL A 2 3.53 25.44 16.21
CA VAL A 2 3.77 26.85 15.89
C VAL A 2 3.17 27.57 17.09
N GLN A 3 3.95 28.42 17.74
CA GLN A 3 3.44 29.22 18.84
C GLN A 3 3.88 30.67 18.71
N LEU A 4 2.97 31.59 19.03
CA LEU A 4 3.28 33.01 19.07
C LEU A 4 3.01 33.49 20.49
N GLN A 5 4.04 33.93 21.18
CA GLN A 5 3.87 34.25 22.60
C GLN A 5 3.84 35.74 22.84
N GLN A 6 2.69 36.24 23.27
CA GLN A 6 2.55 37.66 23.64
C GLN A 6 2.21 37.79 25.11
N PRO A 7 2.74 38.85 25.76
CA PRO A 7 2.41 39.09 27.15
C PRO A 7 0.93 39.45 27.30
N GLY A 8 0.33 39.01 28.40
CA GLY A 8 -1.08 39.25 28.60
C GLY A 8 -1.48 40.71 28.66
N ALA A 9 -0.62 41.56 29.20
CA ALA A 9 -1.02 42.94 29.49
C ALA A 9 0.15 43.92 29.48
N GLU A 10 -0.15 45.16 29.08
CA GLU A 10 0.74 46.28 29.25
C GLU A 10 -0.07 47.47 29.75
N LEU A 11 0.44 48.15 30.77
CA LEU A 11 -0.19 49.34 31.30
C LEU A 11 0.82 50.45 31.16
N VAL A 12 0.47 51.49 30.40
CA VAL A 12 1.38 52.63 30.33
C VAL A 12 0.59 53.93 30.27
N ARG A 13 1.21 55.02 30.71
CA ARG A 13 0.49 56.26 30.88
C ARG A 13 0.35 57.08 29.61
N PRO A 14 -0.68 57.94 29.55
CA PRO A 14 -0.88 58.74 28.34
C PRO A 14 0.38 59.53 28.01
N GLY A 15 0.70 59.63 26.73
CA GLY A 15 1.86 60.40 26.29
C GLY A 15 3.09 59.55 26.07
N ALA A 16 3.18 58.44 26.81
CA ALA A 16 4.34 57.56 26.73
C ALA A 16 4.25 56.57 25.56
N SER A 17 5.24 55.71 25.40
CA SER A 17 5.22 54.74 24.33
C SER A 17 5.34 53.33 24.90
N VAL A 18 5.00 52.34 24.09
CA VAL A 18 5.05 50.96 24.55
C VAL A 18 5.61 50.12 23.42
N LYS A 19 6.29 49.03 23.77
CA LYS A 19 6.90 48.15 22.80
C LYS A 19 6.35 46.76 23.03
N LEU A 20 5.40 46.36 22.18
CA LEU A 20 4.73 45.07 22.28
C LEU A 20 5.56 43.97 21.61
N SER A 21 5.59 42.77 22.21
CA SER A 21 6.42 41.71 21.66
C SER A 21 5.61 40.50 21.24
N CYS A 22 6.17 39.73 20.33
CA CYS A 22 5.55 38.49 19.87
C CYS A 22 6.68 37.52 19.59
N LYS A 23 6.89 36.55 20.48
CA LYS A 23 8.01 35.63 20.34
C LYS A 23 7.56 34.33 19.69
N ALA A 24 8.17 33.98 18.57
CA ALA A 24 7.71 32.86 17.75
C ALA A 24 8.56 31.63 17.96
N SER A 25 7.94 30.45 17.86
CA SER A 25 8.70 29.20 17.93
C SER A 25 7.91 28.13 17.22
N GLY A 26 8.60 27.04 16.86
CA GLY A 26 7.94 25.89 16.26
C GLY A 26 8.00 25.90 14.75
N TYR A 27 8.73 26.88 14.21
CA TYR A 27 8.86 27.02 12.77
C TYR A 27 10.04 27.94 12.50
N THR A 28 10.36 28.12 11.23
CA THR A 28 11.47 28.99 10.85
C THR A 28 10.99 30.43 10.76
N PHE A 29 11.36 31.22 11.76
CA PHE A 29 10.93 32.62 11.92
C PHE A 29 11.02 33.45 10.64
N THR A 30 12.13 33.32 9.94
CA THR A 30 12.39 34.15 8.76
C THR A 30 11.53 33.84 7.53
N SER A 31 10.72 32.78 7.60
CA SER A 31 10.02 32.31 6.40
C SER A 31 8.68 32.99 6.08
N TYR A 32 8.03 33.59 7.09
CA TYR A 32 6.65 34.04 6.97
C TYR A 32 6.44 35.46 7.45
N TRP A 33 5.69 36.22 6.65
CA TRP A 33 5.28 37.58 7.03
C TRP A 33 4.45 37.55 8.30
N MET A 34 4.68 38.53 9.16
CA MET A 34 3.97 38.61 10.43
C MET A 34 3.06 39.83 10.45
N ASN A 35 1.76 39.61 10.65
CA ASN A 35 0.77 40.69 10.78
C ASN A 35 0.60 41.20 12.22
N TRP A 36 0.13 42.44 12.35
CA TRP A 36 -0.34 42.99 13.62
C TRP A 36 -1.76 43.54 13.46
N VAL A 37 -2.64 43.17 14.38
CA VAL A 37 -4.06 43.50 14.30
C VAL A 37 -4.52 44.16 15.60
N LYS A 38 -5.35 45.18 15.49
CA LYS A 38 -5.89 45.87 16.67
C LYS A 38 -7.36 45.55 16.82
N GLN A 39 -7.80 45.31 18.07
CA GLN A 39 -9.23 45.15 18.32
C GLN A 39 -9.71 45.87 19.60
N ARG A 40 -10.51 46.93 19.43
CA ARG A 40 -11.12 47.61 20.57
C ARG A 40 -12.26 46.77 21.18
N PRO A 41 -12.55 46.97 22.47
CA PRO A 41 -13.64 46.27 23.18
C PRO A 41 -14.96 46.28 22.42
N GLY A 42 -15.50 45.09 22.15
CA GLY A 42 -16.77 44.96 21.45
C GLY A 42 -16.77 45.41 19.99
N GLN A 43 -15.59 45.61 19.40
CA GLN A 43 -15.52 46.04 18.00
C GLN A 43 -14.86 45.02 17.07
N GLY A 44 -14.73 45.39 15.80
CA GLY A 44 -14.13 44.51 14.80
C GLY A 44 -12.61 44.51 14.80
N LEU A 45 -12.02 43.88 13.78
CA LEU A 45 -10.57 43.79 13.63
C LEU A 45 -10.07 44.89 12.70
N GLU A 46 -8.92 45.47 13.05
CA GLU A 46 -8.25 46.46 12.20
C GLU A 46 -6.82 46.00 11.94
N TRP A 47 -6.41 46.02 10.67
CA TRP A 47 -5.06 45.64 10.31
C TRP A 47 -4.12 46.84 10.48
N ILE A 48 -3.04 46.65 11.23
CA ILE A 48 -2.08 47.71 11.46
C ILE A 48 -1.01 47.70 10.38
N GLY A 49 -0.49 46.50 10.10
CA GLY A 49 0.60 46.37 9.17
C GLY A 49 1.20 45.00 9.23
N LEU A 50 2.28 44.77 8.48
CA LEU A 50 3.02 43.53 8.56
C LEU A 50 4.52 43.77 8.38
N ILE A 51 5.32 42.79 8.80
CA ILE A 51 6.76 42.84 8.60
C ILE A 51 7.29 41.52 8.05
N ASP A 52 8.29 41.60 7.17
CA ASP A 52 9.02 40.44 6.67
C ASP A 52 10.24 40.27 7.57
N PRO A 53 10.25 39.21 8.38
CA PRO A 53 11.29 39.05 9.39
C PRO A 53 12.66 38.78 8.78
N SER A 54 12.67 38.34 7.53
CA SER A 54 13.93 37.98 6.89
C SER A 54 14.70 39.26 6.57
N ASP A 55 14.01 40.30 6.14
CA ASP A 55 14.71 41.52 5.75
C ASP A 55 14.16 42.81 6.36
N SER A 56 13.24 42.70 7.32
CA SER A 56 12.66 43.84 8.03
C SER A 56 11.85 44.79 7.15
N GLU A 57 11.54 44.36 5.92
CA GLU A 57 10.66 45.15 5.06
C GLU A 57 9.25 45.17 5.69
N THR A 58 8.60 46.33 5.64
CA THR A 58 7.31 46.53 6.29
C THR A 58 6.22 47.02 5.32
N HIS A 59 4.96 46.73 5.64
CA HIS A 59 3.83 47.35 4.96
C HIS A 59 2.87 47.81 6.00
N TYR A 60 2.46 49.07 5.93
CA TYR A 60 1.63 49.67 6.96
C TYR A 60 0.26 50.10 6.44
N ASN A 61 -0.76 49.98 7.30
CA ASN A 61 -2.01 50.70 7.08
C ASN A 61 -1.66 52.14 7.41
N GLN A 62 -1.86 53.07 6.47
CA GLN A 62 -1.39 54.44 6.67
C GLN A 62 -2.08 55.15 7.85
N MET A 63 -3.21 54.61 8.30
CA MET A 63 -3.89 55.14 9.49
C MET A 63 -2.98 55.08 10.71
N PHE A 64 -2.03 54.15 10.69
CA PHE A 64 -1.12 53.96 11.82
C PHE A 64 0.29 54.48 11.56
N LYS A 65 0.45 55.27 10.49
CA LYS A 65 1.78 55.67 10.04
C LYS A 65 2.56 56.42 11.11
N ASP A 66 1.87 57.23 11.89
CA ASP A 66 2.55 58.00 12.94
C ASP A 66 2.36 57.39 14.32
N LYS A 67 1.89 56.15 14.35
CA LYS A 67 1.55 55.50 15.61
C LYS A 67 2.36 54.21 15.84
N ALA A 68 2.43 53.35 14.81
CA ALA A 68 3.12 52.05 14.94
C ALA A 68 4.46 51.99 14.22
N THR A 69 5.45 51.33 14.84
CA THR A 69 6.70 50.98 14.18
C THR A 69 6.99 49.48 14.35
N LEU A 70 7.09 48.73 13.25
CA LEU A 70 7.38 47.30 13.32
C LEU A 70 8.88 46.98 13.13
N THR A 71 9.41 46.09 13.97
CA THR A 71 10.80 45.64 13.90
C THR A 71 10.84 44.17 14.29
N VAL A 72 11.96 43.51 14.01
CA VAL A 72 12.21 42.16 14.51
C VAL A 72 13.60 42.04 15.13
N ASP A 73 13.77 40.98 15.93
CA ASP A 73 15.06 40.59 16.50
C ASP A 73 15.27 39.11 16.14
N LYS A 74 16.03 38.83 15.08
CA LYS A 74 16.22 37.45 14.68
C LYS A 74 17.00 36.64 15.72
N SER A 75 17.78 37.31 16.57
CA SER A 75 18.54 36.58 17.58
C SER A 75 17.61 35.97 18.63
N SER A 76 16.36 36.42 18.69
CA SER A 76 15.43 35.90 19.68
C SER A 76 14.11 35.44 19.06
N SER A 77 14.04 35.45 17.73
CA SER A 77 12.82 35.11 17.00
C SER A 77 11.62 35.96 17.45
N THR A 78 11.87 37.23 17.72
CA THR A 78 10.82 38.09 18.25
C THR A 78 10.43 39.21 17.29
N ALA A 79 9.13 39.39 17.10
CA ALA A 79 8.61 40.54 16.36
C ALA A 79 8.15 41.58 17.35
N TYR A 80 8.46 42.83 17.08
CA TYR A 80 8.07 43.91 17.99
C TYR A 80 7.20 44.94 17.29
N MET A 81 6.24 45.51 18.02
CA MET A 81 5.52 46.69 17.54
C MET A 81 5.53 47.78 18.58
N GLN A 82 6.08 48.93 18.22
CA GLN A 82 6.16 50.05 19.13
C GLN A 82 5.05 51.07 18.82
N LEU A 83 4.24 51.40 19.83
CA LEU A 83 3.19 52.40 19.67
C LEU A 83 3.61 53.66 20.42
N SER A 84 3.52 54.81 19.75
CA SER A 84 4.02 56.06 20.30
C SER A 84 2.90 56.99 20.77
N SER A 85 3.26 57.99 21.59
CA SER A 85 2.33 59.04 22.07
C SER A 85 0.95 58.50 22.44
N LEU A 86 0.90 57.59 23.40
CA LEU A 86 -0.34 56.84 23.65
C LEU A 86 -1.50 57.70 24.15
N THR A 87 -2.70 57.34 23.70
CA THR A 87 -3.92 57.99 24.18
C THR A 87 -4.93 56.89 24.49
N SER A 88 -6.06 57.28 25.08
CA SER A 88 -7.15 56.36 25.38
C SER A 88 -7.65 55.58 24.17
N GLU A 89 -7.54 56.19 22.98
CA GLU A 89 -7.93 55.53 21.74
C GLU A 89 -7.05 54.32 21.44
N ASP A 90 -5.86 54.30 22.02
CA ASP A 90 -4.93 53.21 21.76
C ASP A 90 -5.18 52.01 22.67
N SER A 91 -6.08 52.16 23.65
CA SER A 91 -6.40 51.04 24.55
C SER A 91 -7.16 49.97 23.76
N ALA A 92 -6.63 48.76 23.75
CA ALA A 92 -7.14 47.73 22.84
C ALA A 92 -6.41 46.44 23.10
N VAL A 93 -6.91 45.35 22.51
CA VAL A 93 -6.13 44.12 22.39
C VAL A 93 -5.36 44.15 21.07
N TYR A 94 -4.08 43.80 21.12
CA TYR A 94 -3.27 43.77 19.90
C TYR A 94 -2.74 42.37 19.67
N TYR A 95 -3.05 41.81 18.50
CA TYR A 95 -2.61 40.46 18.14
C TYR A 95 -1.44 40.51 17.16
N CYS A 96 -0.50 39.56 17.28
CA CYS A 96 0.36 39.26 16.16
C CYS A 96 -0.24 38.01 15.53
N ALA A 97 -0.13 37.90 14.22
CA ALA A 97 -0.67 36.75 13.50
C ALA A 97 0.27 36.39 12.36
N ARG A 98 0.76 35.15 12.34
CA ARG A 98 1.67 34.71 11.29
C ARG A 98 0.83 34.29 10.13
N GLY A 99 0.71 35.14 9.12
CA GLY A 99 -0.29 34.91 8.08
C GLY A 99 -1.65 34.93 8.75
N GLY A 100 -2.57 34.07 8.32
CA GLY A 100 -3.91 34.03 8.89
C GLY A 100 -4.23 32.86 9.80
N THR A 101 -3.35 31.85 9.83
CA THR A 101 -3.65 30.62 10.59
C THR A 101 -3.21 30.67 12.06
N TYR A 102 -2.10 31.33 12.33
CA TYR A 102 -1.53 31.28 13.67
C TYR A 102 -1.59 32.65 14.32
N TRP A 103 -2.30 32.70 15.46
CA TRP A 103 -2.53 33.95 16.17
C TRP A 103 -1.98 33.85 17.57
N GLY A 104 -1.32 34.92 18.02
CA GLY A 104 -0.99 35.07 19.43
C GLY A 104 -2.28 35.21 20.25
N GLN A 105 -2.15 35.15 21.58
CA GLN A 105 -3.31 35.30 22.45
C GLN A 105 -3.71 36.77 22.62
N GLY A 106 -2.87 37.69 22.17
CA GLY A 106 -3.18 39.09 22.27
C GLY A 106 -2.63 39.72 23.54
N THR A 107 -2.19 40.97 23.42
CA THR A 107 -1.81 41.75 24.59
C THR A 107 -2.86 42.82 24.83
N THR A 108 -3.45 42.87 26.02
CA THR A 108 -4.36 43.96 26.35
C THR A 108 -3.55 45.17 26.76
N LEU A 109 -3.59 46.23 25.95
CA LEU A 109 -2.89 47.45 26.30
C LEU A 109 -3.88 48.40 26.95
N THR A 110 -3.54 48.88 28.14
CA THR A 110 -4.34 49.89 28.84
C THR A 110 -3.51 51.15 28.99
N VAL A 111 -4.04 52.26 28.50
CA VAL A 111 -3.36 53.55 28.58
C VAL A 111 -4.02 54.33 29.72
N SER A 112 -3.36 54.36 30.87
CA SER A 112 -3.98 55.00 32.03
C SER A 112 -2.92 55.47 33.00
N ALA A 113 -3.27 56.45 33.81
CA ALA A 113 -2.39 56.91 34.89
C ALA A 113 -2.60 56.09 36.18
N ALA A 114 -3.66 55.28 36.19
CA ALA A 114 -3.98 54.46 37.38
C ALA A 114 -2.89 53.40 37.66
N LYS A 115 -2.93 52.81 38.86
CA LYS A 115 -1.84 51.93 39.33
C LYS A 115 -2.17 50.46 39.17
N THR A 116 -1.17 49.66 38.81
CA THR A 116 -1.31 48.21 38.80
C THR A 116 -1.63 47.69 40.21
N THR A 117 -2.69 46.89 40.32
CA THR A 117 -3.10 46.34 41.60
C THR A 117 -3.51 44.90 41.40
N PRO A 118 -2.93 43.97 42.17
CA PRO A 118 -3.30 42.55 42.07
C PRO A 118 -4.67 42.34 42.71
N PRO A 119 -5.36 41.27 42.32
CA PRO A 119 -6.70 41.05 42.86
C PRO A 119 -6.66 40.39 44.23
N SER A 120 -7.71 40.58 45.03
CA SER A 120 -7.94 39.72 46.18
C SER A 120 -8.85 38.61 45.68
N VAL A 121 -8.57 37.36 46.03
CA VAL A 121 -9.43 36.26 45.61
C VAL A 121 -10.15 35.65 46.82
N TYR A 122 -11.48 35.73 46.83
CA TYR A 122 -12.26 35.20 47.94
C TYR A 122 -13.07 33.97 47.52
N PRO A 123 -13.09 32.94 48.35
CA PRO A 123 -13.86 31.75 47.97
C PRO A 123 -15.36 31.97 48.22
N LEU A 124 -16.19 31.39 47.36
CA LEU A 124 -17.62 31.45 47.53
C LEU A 124 -18.11 30.01 47.77
N ALA A 125 -18.31 29.68 49.05
CA ALA A 125 -18.73 28.34 49.44
C ALA A 125 -20.23 28.31 49.74
N PRO A 126 -20.90 27.18 49.46
CA PRO A 126 -22.33 27.05 49.76
C PRO A 126 -22.62 27.52 51.18
N GLY A 127 -23.15 28.74 51.28
CA GLY A 127 -23.46 29.37 52.56
C GLY A 127 -24.69 28.77 53.23
N SER A 128 -25.03 27.55 52.81
CA SER A 128 -26.10 26.79 53.43
C SER A 128 -25.49 25.59 54.15
N ALA A 129 -25.77 25.50 55.45
CA ALA A 129 -25.27 24.40 56.26
C ALA A 129 -26.33 23.33 56.44
N ALA A 130 -26.06 22.09 56.01
CA ALA A 130 -24.88 21.73 55.22
C ALA A 130 -25.30 20.59 54.29
N GLN A 131 -26.44 20.81 53.62
CA GLN A 131 -27.07 19.82 52.76
C GLN A 131 -27.27 20.43 51.38
N THR A 132 -27.55 19.60 50.38
CA THR A 132 -27.55 20.05 48.99
C THR A 132 -28.41 19.13 48.11
N ASN A 133 -28.55 19.50 46.84
CA ASN A 133 -29.22 18.72 45.81
C ASN A 133 -28.19 17.78 45.15
N SER A 134 -28.47 17.31 43.94
CA SER A 134 -27.53 16.39 43.26
C SER A 134 -26.31 17.13 42.69
N MET A 135 -26.43 18.46 42.61
CA MET A 135 -25.43 19.32 42.00
C MET A 135 -25.09 20.48 42.94
N VAL A 136 -23.85 20.92 42.96
CA VAL A 136 -23.47 22.03 43.84
C VAL A 136 -22.70 23.13 43.08
N THR A 137 -23.05 24.39 43.37
CA THR A 137 -22.39 25.53 42.74
C THR A 137 -21.43 26.26 43.67
N LEU A 138 -20.17 26.35 43.22
CA LEU A 138 -19.12 27.01 43.97
C LEU A 138 -18.68 28.26 43.20
N GLY A 139 -17.88 29.12 43.83
CA GLY A 139 -17.39 30.30 43.15
C GLY A 139 -16.17 30.98 43.72
N CYS A 140 -15.65 31.92 42.95
CA CYS A 140 -14.53 32.76 43.37
C CYS A 140 -14.86 34.19 43.07
N LEU A 141 -14.64 35.07 44.03
CA LEU A 141 -14.79 36.49 43.80
C LEU A 141 -13.41 37.10 43.63
N VAL A 142 -13.14 37.66 42.45
CA VAL A 142 -11.84 38.23 42.12
C VAL A 142 -11.94 39.74 42.15
N LYS A 143 -11.45 40.37 43.21
CA LYS A 143 -11.85 41.75 43.44
C LYS A 143 -10.70 42.76 43.57
N GLY A 144 -10.93 43.96 43.04
CA GLY A 144 -10.04 45.08 43.27
C GLY A 144 -8.75 45.07 42.50
N TYR A 145 -8.76 44.58 41.25
CA TYR A 145 -7.52 44.52 40.45
C TYR A 145 -7.50 45.53 39.31
N PHE A 146 -6.30 45.86 38.86
CA PHE A 146 -6.11 46.73 37.69
C PHE A 146 -4.71 46.47 37.14
N PRO A 147 -4.58 46.41 35.81
CA PRO A 147 -5.60 46.50 34.76
C PRO A 147 -6.06 45.11 34.33
N GLU A 148 -6.94 45.05 33.31
CA GLU A 148 -7.31 43.78 32.69
C GLU A 148 -6.10 43.13 32.00
N PRO A 149 -6.16 41.81 31.72
CA PRO A 149 -7.22 40.88 32.09
C PRO A 149 -6.81 40.08 33.33
N VAL A 150 -7.69 39.20 33.79
CA VAL A 150 -7.30 38.11 34.67
C VAL A 150 -7.83 36.86 34.00
N THR A 151 -7.19 35.73 34.28
CA THR A 151 -7.64 34.45 33.75
C THR A 151 -8.04 33.58 34.94
N VAL A 152 -9.16 32.89 34.83
CA VAL A 152 -9.61 32.00 35.91
C VAL A 152 -9.81 30.61 35.36
N THR A 153 -9.24 29.62 36.03
CA THR A 153 -9.53 28.22 35.75
C THR A 153 -9.87 27.52 37.06
N TRP A 154 -10.34 26.28 36.97
CA TRP A 154 -10.72 25.52 38.15
C TRP A 154 -9.95 24.23 38.14
N ASN A 155 -9.36 23.89 39.29
CA ASN A 155 -8.43 22.75 39.39
C ASN A 155 -7.39 22.68 38.26
N SER A 156 -6.66 23.78 38.06
CA SER A 156 -5.61 23.85 37.05
C SER A 156 -6.09 23.47 35.66
N GLY A 157 -7.34 23.82 35.36
CA GLY A 157 -7.89 23.58 34.04
C GLY A 157 -8.55 22.22 33.87
N SER A 158 -8.40 21.32 34.83
CA SER A 158 -8.99 19.99 34.73
C SER A 158 -10.52 20.02 34.95
N LEU A 159 -11.01 21.14 35.46
CA LEU A 159 -12.44 21.34 35.63
C LEU A 159 -12.88 22.39 34.61
N SER A 160 -13.45 21.94 33.51
CA SER A 160 -13.72 22.82 32.38
C SER A 160 -15.21 22.96 32.07
N SER A 161 -15.99 21.94 32.41
CA SER A 161 -17.43 21.98 32.20
C SER A 161 -18.12 22.69 33.36
N GLY A 162 -19.22 23.36 33.09
CA GLY A 162 -19.99 24.01 34.14
C GLY A 162 -19.32 25.21 34.78
N VAL A 163 -18.49 25.90 34.01
CA VAL A 163 -17.73 27.05 34.49
C VAL A 163 -18.26 28.31 33.82
N HIS A 164 -18.53 29.36 34.61
CA HIS A 164 -18.90 30.66 34.04
C HIS A 164 -18.00 31.71 34.64
N THR A 165 -17.24 32.40 33.79
CA THR A 165 -16.48 33.56 34.26
C THR A 165 -17.15 34.82 33.76
N PHE A 166 -17.58 35.69 34.67
CA PHE A 166 -18.34 36.87 34.28
C PHE A 166 -17.40 38.03 34.01
N PRO A 167 -17.73 38.85 33.00
CA PRO A 167 -16.92 40.02 32.65
C PRO A 167 -16.78 40.97 33.84
N ALA A 168 -15.58 41.52 33.99
CA ALA A 168 -15.29 42.41 35.10
C ALA A 168 -16.07 43.71 34.99
N VAL A 169 -16.34 44.31 36.14
CA VAL A 169 -16.97 45.62 36.17
C VAL A 169 -15.94 46.60 36.71
N LEU A 170 -15.81 47.73 36.04
CA LEU A 170 -14.83 48.74 36.44
C LEU A 170 -15.48 49.79 37.34
N GLN A 171 -14.85 50.07 38.47
CA GLN A 171 -15.38 51.07 39.40
C GLN A 171 -14.24 51.67 40.25
N SER A 172 -14.12 52.99 40.24
CA SER A 172 -13.05 53.68 40.97
C SER A 172 -11.66 53.14 40.59
N ASP A 173 -11.45 52.94 39.29
CA ASP A 173 -10.16 52.48 38.79
C ASP A 173 -9.77 51.06 39.24
N LEU A 174 -10.75 50.29 39.69
CA LEU A 174 -10.53 48.88 40.02
C LEU A 174 -11.60 48.00 39.40
N TYR A 175 -11.18 46.79 39.00
CA TYR A 175 -12.06 45.81 38.39
C TYR A 175 -12.42 44.75 39.40
N THR A 176 -13.57 44.12 39.18
CA THR A 176 -14.04 43.02 40.00
C THR A 176 -14.79 42.08 39.09
N LEU A 177 -14.52 40.79 39.22
CA LEU A 177 -15.33 39.78 38.56
C LEU A 177 -15.52 38.57 39.46
N SER A 178 -16.40 37.66 39.04
CA SER A 178 -16.56 36.41 39.72
C SER A 178 -16.60 35.29 38.70
N SER A 179 -16.32 34.07 39.17
CA SER A 179 -16.41 32.88 38.35
C SER A 179 -17.17 31.85 39.17
N SER A 180 -18.04 31.08 38.52
CA SER A 180 -18.81 30.04 39.19
C SER A 180 -18.47 28.71 38.55
N VAL A 181 -18.49 27.64 39.33
CA VAL A 181 -18.34 26.29 38.79
C VAL A 181 -19.38 25.40 39.43
N THR A 182 -19.90 24.45 38.68
CA THR A 182 -20.95 23.58 39.19
C THR A 182 -20.49 22.15 39.02
N VAL A 183 -20.55 21.39 40.10
CA VAL A 183 -20.01 20.04 40.16
C VAL A 183 -21.01 19.16 40.91
N PRO A 184 -20.97 17.83 40.66
CA PRO A 184 -21.87 16.90 41.37
C PRO A 184 -21.62 16.99 42.86
N SER A 185 -22.67 16.87 43.67
CA SER A 185 -22.54 16.96 45.12
C SER A 185 -21.69 15.84 45.69
N SER A 186 -21.48 14.80 44.89
CA SER A 186 -20.76 13.61 45.29
C SER A 186 -19.26 13.73 45.07
N THR A 187 -18.80 14.96 44.82
CA THR A 187 -17.41 15.19 44.46
C THR A 187 -16.85 16.34 45.29
N TRP A 188 -17.74 17.13 45.87
CA TRP A 188 -17.33 18.21 46.77
C TRP A 188 -18.26 18.21 47.97
N PRO A 189 -17.69 18.34 49.19
CA PRO A 189 -16.26 18.57 49.43
C PRO A 189 -15.39 17.33 49.48
N SER A 190 -15.91 16.16 49.11
CA SER A 190 -15.12 14.92 49.21
C SER A 190 -13.78 15.02 48.45
N GLU A 191 -13.79 15.71 47.32
CA GLU A 191 -12.57 16.04 46.59
C GLU A 191 -12.39 17.56 46.52
N THR A 192 -11.17 17.99 46.27
CA THR A 192 -10.80 19.41 46.31
C THR A 192 -11.31 20.19 45.09
N VAL A 193 -11.74 21.42 45.32
CA VAL A 193 -11.98 22.36 44.25
C VAL A 193 -11.23 23.64 44.60
N THR A 194 -10.39 24.09 43.67
CA THR A 194 -9.65 25.33 43.85
C THR A 194 -9.76 26.18 42.59
N CYS A 195 -9.94 27.48 42.77
CA CYS A 195 -9.95 28.36 41.62
C CYS A 195 -8.55 28.93 41.49
N ASN A 196 -8.04 28.96 40.25
CA ASN A 196 -6.71 29.48 39.97
C ASN A 196 -6.89 30.79 39.23
N VAL A 197 -6.38 31.87 39.82
CA VAL A 197 -6.53 33.18 39.22
C VAL A 197 -5.15 33.68 38.80
N ALA A 198 -5.02 34.07 37.53
CA ALA A 198 -3.79 34.66 37.02
C ALA A 198 -4.05 36.12 36.68
N HIS A 199 -3.16 37.01 37.11
CA HIS A 199 -3.23 38.43 36.75
C HIS A 199 -1.90 38.81 36.13
N PRO A 200 -1.78 38.71 34.79
CA PRO A 200 -0.48 38.89 34.13
C PRO A 200 0.19 40.25 34.37
N ALA A 201 -0.58 41.32 34.49
CA ALA A 201 0.04 42.64 34.69
C ALA A 201 0.87 42.72 35.98
N SER A 202 0.43 42.03 37.03
CA SER A 202 1.17 42.04 38.29
C SER A 202 1.97 40.74 38.48
N SER A 203 1.96 39.87 37.47
CA SER A 203 2.67 38.61 37.50
C SER A 203 2.24 37.73 38.68
N THR A 204 0.99 37.84 39.09
CA THR A 204 0.55 37.11 40.28
C THR A 204 -0.38 35.97 39.90
N LYS A 205 -0.29 34.87 40.64
CA LYS A 205 -1.26 33.78 40.58
C LYS A 205 -1.72 33.45 42.00
N VAL A 206 -3.04 33.27 42.16
CA VAL A 206 -3.60 32.89 43.45
C VAL A 206 -4.34 31.58 43.24
N ASP A 207 -4.16 30.63 44.15
CA ASP A 207 -4.80 29.33 43.99
C ASP A 207 -5.63 29.05 45.21
N LYS A 208 -6.93 29.35 45.13
CA LYS A 208 -7.80 29.36 46.31
C LYS A 208 -8.69 28.13 46.43
N LYS A 209 -8.46 27.35 47.48
CA LYS A 209 -9.30 26.19 47.75
C LYS A 209 -10.66 26.64 48.30
N ILE A 210 -11.73 26.06 47.78
CA ILE A 210 -13.05 26.31 48.33
C ILE A 210 -13.28 25.29 49.45
N VAL A 211 -13.45 25.77 50.67
CA VAL A 211 -13.68 24.93 51.86
C VAL A 211 -15.10 25.19 52.35
N PRO A 212 -15.82 24.13 52.78
CA PRO A 212 -17.18 24.35 53.33
C PRO A 212 -17.20 25.37 54.48
N ARG A 213 -18.31 26.07 54.63
CA ARG A 213 -18.42 27.08 55.68
C ARG A 213 -18.33 26.45 57.07
N ASP A 214 -17.77 27.23 58.00
CA ASP A 214 -17.72 26.97 59.46
C ASP A 214 -18.60 25.81 59.97
N ASP B 1 -8.77 52.17 0.03
CA ASP B 1 -8.74 50.84 0.63
C ASP B 1 -9.93 50.02 0.15
N VAL B 2 -9.77 48.70 0.10
CA VAL B 2 -10.85 47.79 -0.28
C VAL B 2 -11.90 47.70 0.82
N VAL B 3 -13.14 48.06 0.48
CA VAL B 3 -14.22 48.02 1.45
C VAL B 3 -14.81 46.62 1.39
N MET B 4 -14.90 45.97 2.56
CA MET B 4 -15.48 44.63 2.68
C MET B 4 -16.81 44.76 3.41
N THR B 5 -17.87 44.26 2.80
CA THR B 5 -19.23 44.45 3.32
C THR B 5 -19.89 43.09 3.52
N GLN B 6 -20.17 42.73 4.78
CA GLN B 6 -20.79 41.46 5.09
C GLN B 6 -22.28 41.61 5.31
N THR B 7 -23.06 40.62 4.86
CA THR B 7 -24.49 40.54 5.17
C THR B 7 -24.82 39.09 5.49
N PRO B 8 -25.73 38.86 6.44
CA PRO B 8 -26.38 39.85 7.30
C PRO B 8 -25.43 40.27 8.42
N LEU B 9 -25.85 41.18 9.29
CA LEU B 9 -25.02 41.54 10.45
C LEU B 9 -25.18 40.52 11.57
N THR B 10 -26.36 39.91 11.64
CA THR B 10 -26.63 38.92 12.66
C THR B 10 -27.43 37.79 12.06
N LEU B 11 -27.20 36.60 12.59
CA LEU B 11 -27.81 35.38 12.10
C LEU B 11 -28.27 34.62 13.34
N SER B 12 -29.55 34.28 13.41
CA SER B 12 -30.05 33.41 14.49
C SER B 12 -30.42 32.06 13.88
N VAL B 13 -29.74 31.00 14.31
CA VAL B 13 -29.92 29.70 13.67
C VAL B 13 -30.21 28.63 14.71
N THR B 14 -31.15 27.75 14.37
CA THR B 14 -31.48 26.58 15.19
C THR B 14 -30.39 25.54 14.94
N ILE B 15 -29.92 24.89 15.99
CA ILE B 15 -28.90 23.84 15.88
C ILE B 15 -29.31 22.75 14.88
N GLY B 16 -28.42 22.42 13.97
CA GLY B 16 -28.72 21.45 12.92
C GLY B 16 -29.19 22.08 11.62
N GLN B 17 -29.49 23.38 11.67
CA GLN B 17 -29.92 24.09 10.47
C GLN B 17 -28.73 24.67 9.71
N PRO B 18 -28.91 24.98 8.42
CA PRO B 18 -27.80 25.55 7.67
C PRO B 18 -27.71 27.07 7.87
N ALA B 19 -26.61 27.65 7.44
CA ALA B 19 -26.37 29.09 7.61
C ALA B 19 -25.52 29.60 6.45
N SER B 20 -25.78 30.83 6.03
CA SER B 20 -25.04 31.43 4.91
C SER B 20 -24.67 32.89 5.21
N ILE B 21 -23.42 33.25 4.93
CA ILE B 21 -22.95 34.64 5.15
C ILE B 21 -22.31 35.11 3.85
N ALA B 22 -22.57 36.35 3.44
CA ALA B 22 -22.00 36.84 2.19
C ALA B 22 -21.00 37.98 2.47
N CYS B 23 -19.97 38.07 1.63
CA CYS B 23 -18.98 39.13 1.75
C CYS B 23 -18.85 39.74 0.37
N LYS B 24 -19.00 41.05 0.26
CA LYS B 24 -18.74 41.72 -1.01
C LYS B 24 -17.62 42.75 -0.90
N SER B 25 -16.67 42.69 -1.83
CA SER B 25 -15.59 43.67 -1.82
C SER B 25 -15.84 44.76 -2.85
N SER B 26 -15.31 45.94 -2.60
CA SER B 26 -15.49 47.08 -3.49
C SER B 26 -14.58 46.97 -4.73
N GLN B 27 -13.58 46.09 -4.66
CA GLN B 27 -12.70 45.79 -5.79
C GLN B 27 -12.49 44.30 -5.88
N SER B 28 -12.15 43.82 -7.07
CA SER B 28 -11.84 42.39 -7.24
C SER B 28 -10.66 41.98 -6.38
N LEU B 29 -10.76 40.80 -5.76
CA LEU B 29 -9.66 40.27 -4.94
C LEU B 29 -8.73 39.34 -5.74
N LEU B 30 -8.96 39.26 -7.06
CA LEU B 30 -8.08 38.48 -7.94
C LEU B 30 -6.78 39.23 -8.20
N ASP B 31 -5.68 38.65 -7.70
CA ASP B 31 -4.37 39.27 -7.75
C ASP B 31 -3.74 39.07 -9.12
N SER B 32 -2.80 39.94 -9.50
CA SER B 32 -2.11 39.72 -10.77
C SER B 32 -1.34 38.38 -10.79
N ASP B 33 -1.08 37.80 -9.62
CA ASP B 33 -0.43 36.47 -9.54
C ASP B 33 -1.40 35.32 -9.76
N GLY B 34 -2.68 35.64 -9.96
CA GLY B 34 -3.68 34.62 -10.25
C GLY B 34 -4.37 34.05 -9.03
N LYS B 35 -3.97 34.49 -7.84
CA LYS B 35 -4.61 33.98 -6.61
C LYS B 35 -5.57 34.99 -5.98
N THR B 36 -6.51 34.50 -5.19
CA THR B 36 -7.54 35.33 -4.58
C THR B 36 -7.49 35.13 -3.08
N TYR B 37 -6.86 36.09 -2.38
CA TYR B 37 -6.59 35.93 -0.95
C TYR B 37 -7.77 36.40 -0.14
N LEU B 38 -8.88 35.70 -0.29
CA LEU B 38 -10.04 35.97 0.56
C LEU B 38 -10.06 34.95 1.71
N ASN B 39 -10.08 35.45 2.94
CA ASN B 39 -10.12 34.59 4.12
C ASN B 39 -11.42 34.75 4.91
N TRP B 40 -11.85 33.68 5.57
CA TRP B 40 -12.93 33.75 6.55
C TRP B 40 -12.38 33.40 7.92
N LEU B 41 -12.65 34.26 8.91
CA LEU B 41 -12.22 34.02 10.29
C LEU B 41 -13.44 33.82 11.18
N LEU B 42 -13.26 33.07 12.27
CA LEU B 42 -14.25 33.00 13.33
C LEU B 42 -13.60 33.40 14.65
N GLN B 43 -14.25 34.26 15.39
CA GLN B 43 -13.75 34.65 16.71
C GLN B 43 -14.83 34.42 17.76
N ARG B 44 -14.62 33.43 18.61
CA ARG B 44 -15.51 33.21 19.73
C ARG B 44 -15.14 34.24 20.78
N PRO B 45 -16.12 34.73 21.54
CA PRO B 45 -15.87 35.80 22.52
C PRO B 45 -14.73 35.45 23.47
N GLY B 46 -13.91 36.44 23.80
CA GLY B 46 -12.76 36.23 24.68
C GLY B 46 -11.66 35.34 24.14
N GLN B 47 -11.56 35.25 22.81
CA GLN B 47 -10.56 34.39 22.18
C GLN B 47 -9.95 35.03 20.95
N SER B 48 -8.78 34.55 20.57
CA SER B 48 -8.17 35.01 19.34
C SER B 48 -9.00 34.54 18.16
N PRO B 49 -8.96 35.27 17.04
CA PRO B 49 -9.63 34.76 15.84
C PRO B 49 -8.97 33.46 15.39
N LYS B 50 -9.71 32.61 14.69
CA LYS B 50 -9.06 31.49 14.02
C LYS B 50 -9.53 31.51 12.58
N ARG B 51 -8.73 30.95 11.68
CA ARG B 51 -9.10 31.00 10.26
C ARG B 51 -9.81 29.72 9.86
N LEU B 52 -10.95 29.88 9.19
CA LEU B 52 -11.74 28.75 8.73
C LEU B 52 -11.40 28.43 7.27
N ILE B 53 -11.22 29.48 6.48
CA ILE B 53 -11.05 29.33 5.04
C ILE B 53 -9.96 30.27 4.58
N TYR B 54 -9.05 29.78 3.73
CA TYR B 54 -8.10 30.63 2.99
C TYR B 54 -8.27 30.40 1.49
N LEU B 55 -7.82 31.36 0.68
CA LEU B 55 -7.97 31.28 -0.78
C LEU B 55 -9.38 30.90 -1.24
N VAL B 56 -10.39 31.55 -0.65
CA VAL B 56 -11.80 31.44 -1.04
C VAL B 56 -12.48 30.16 -0.56
N SER B 57 -11.87 29.01 -0.82
CA SER B 57 -12.58 27.75 -0.63
C SER B 57 -11.76 26.67 0.05
N LYS B 58 -10.56 27.01 0.52
CA LYS B 58 -9.71 25.99 1.12
C LYS B 58 -9.83 25.96 2.64
N LEU B 59 -10.22 24.80 3.16
CA LEU B 59 -10.36 24.60 4.60
C LEU B 59 -9.01 24.63 5.25
N ASP B 60 -8.90 25.39 6.32
CA ASP B 60 -7.65 25.48 7.05
C ASP B 60 -7.60 24.38 8.11
N SER B 61 -6.49 24.32 8.85
CA SER B 61 -6.22 23.24 9.81
C SER B 61 -7.26 23.13 10.92
N GLY B 62 -7.77 21.91 11.12
CA GLY B 62 -8.71 21.66 12.21
C GLY B 62 -10.16 21.97 11.85
N VAL B 63 -10.37 22.61 10.71
CA VAL B 63 -11.72 23.06 10.34
C VAL B 63 -12.51 21.94 9.67
N PRO B 64 -13.69 21.62 10.24
CA PRO B 64 -14.55 20.55 9.72
C PRO B 64 -15.21 20.94 8.38
N ASP B 65 -15.62 19.94 7.62
CA ASP B 65 -16.11 20.16 6.25
C ASP B 65 -17.57 20.57 6.24
N ARG B 66 -18.12 20.86 7.41
CA ARG B 66 -19.43 21.51 7.48
C ARG B 66 -19.28 22.93 6.90
N PHE B 67 -18.07 23.46 6.93
CA PHE B 67 -17.78 24.79 6.38
C PHE B 67 -17.39 24.73 4.91
N THR B 68 -18.08 25.52 4.08
CA THR B 68 -17.81 25.61 2.65
C THR B 68 -17.64 27.06 2.26
N GLY B 69 -16.58 27.38 1.51
CA GLY B 69 -16.38 28.72 0.99
C GLY B 69 -16.51 28.71 -0.52
N SER B 70 -17.17 29.72 -1.07
CA SER B 70 -17.27 29.84 -2.53
C SER B 70 -17.20 31.29 -2.96
N GLY B 71 -17.19 31.50 -4.28
CA GLY B 71 -17.30 32.82 -4.85
C GLY B 71 -16.09 33.17 -5.70
N SER B 72 -16.06 34.39 -6.21
CA SER B 72 -14.94 34.84 -7.01
C SER B 72 -15.02 36.34 -7.20
N GLY B 73 -13.89 36.96 -7.53
CA GLY B 73 -13.89 38.38 -7.87
C GLY B 73 -14.24 39.27 -6.69
N THR B 74 -15.52 39.64 -6.59
CA THR B 74 -15.95 40.60 -5.59
C THR B 74 -17.07 40.05 -4.72
N ASP B 75 -17.49 38.82 -4.98
CA ASP B 75 -18.61 38.26 -4.24
C ASP B 75 -18.23 36.88 -3.69
N PHE B 76 -18.40 36.71 -2.38
CA PHE B 76 -17.98 35.50 -1.69
C PHE B 76 -19.01 35.06 -0.64
N THR B 77 -19.06 33.76 -0.38
CA THR B 77 -20.05 33.23 0.55
C THR B 77 -19.45 32.15 1.42
N LEU B 78 -19.81 32.15 2.70
CA LEU B 78 -19.44 31.07 3.61
C LEU B 78 -20.72 30.34 4.00
N LYS B 79 -20.74 29.02 3.85
CA LYS B 79 -21.90 28.24 4.23
C LYS B 79 -21.54 27.24 5.31
N ILE B 80 -22.46 27.08 6.27
CA ILE B 80 -22.37 26.00 7.24
C ILE B 80 -23.51 25.04 6.92
N SER B 81 -23.16 23.80 6.56
CA SER B 81 -24.16 22.79 6.18
C SER B 81 -25.15 22.56 7.32
N ARG B 82 -24.63 22.37 8.53
CA ARG B 82 -25.48 22.22 9.71
C ARG B 82 -24.81 22.82 10.94
N VAL B 83 -25.46 23.83 11.51
CA VAL B 83 -24.86 24.61 12.60
C VAL B 83 -24.78 23.80 13.90
N GLU B 84 -23.62 23.85 14.56
CA GLU B 84 -23.45 23.23 15.86
C GLU B 84 -23.24 24.31 16.93
N ALA B 85 -23.43 23.96 18.20
CA ALA B 85 -23.36 24.95 19.28
C ALA B 85 -22.02 25.70 19.34
N GLU B 86 -20.96 25.03 18.92
CA GLU B 86 -19.62 25.60 18.99
C GLU B 86 -19.35 26.63 17.89
N ASP B 87 -20.27 26.77 16.94
CA ASP B 87 -20.05 27.64 15.78
C ASP B 87 -20.38 29.10 16.07
N LEU B 88 -20.96 29.34 17.25
CA LEU B 88 -21.36 30.69 17.65
C LEU B 88 -20.16 31.63 17.66
N GLY B 89 -20.41 32.93 17.53
CA GLY B 89 -19.35 33.91 17.59
C GLY B 89 -19.43 34.90 16.45
N VAL B 90 -18.33 35.56 16.14
CA VAL B 90 -18.36 36.55 15.06
C VAL B 90 -17.50 36.07 13.90
N TYR B 91 -18.09 36.07 12.71
CA TYR B 91 -17.41 35.69 11.47
C TYR B 91 -16.93 36.92 10.75
N TYR B 92 -15.66 36.92 10.34
CA TYR B 92 -15.10 38.04 9.58
C TYR B 92 -14.57 37.56 8.24
N CYS B 93 -14.87 38.30 7.17
CA CYS B 93 -14.11 38.10 5.95
C CYS B 93 -12.89 39.01 6.05
N TRP B 94 -11.83 38.66 5.33
CA TRP B 94 -10.57 39.35 5.43
C TRP B 94 -9.83 39.18 4.10
N GLN B 95 -9.54 40.28 3.42
CA GLN B 95 -8.83 40.19 2.14
C GLN B 95 -7.35 40.53 2.34
N GLY B 96 -6.49 39.64 1.83
CA GLY B 96 -5.04 39.82 1.90
C GLY B 96 -4.43 39.95 0.51
N THR B 97 -5.21 40.48 -0.43
CA THR B 97 -4.74 40.70 -1.80
C THR B 97 -4.17 42.10 -1.96
N HIS B 98 -4.88 43.11 -1.50
CA HIS B 98 -4.45 44.50 -1.70
C HIS B 98 -4.03 45.14 -0.38
N PHE B 99 -2.97 45.93 -0.40
CA PHE B 99 -2.58 46.71 0.77
C PHE B 99 -3.36 48.02 0.79
N PRO B 100 -3.88 48.38 1.96
CA PRO B 100 -3.73 47.61 3.20
C PRO B 100 -4.75 46.48 3.28
N TYR B 101 -4.41 45.39 3.97
CA TYR B 101 -5.37 44.33 4.21
C TYR B 101 -6.56 44.92 4.96
N THR B 102 -7.76 44.43 4.67
CA THR B 102 -8.95 44.98 5.29
C THR B 102 -9.91 43.86 5.67
N PHE B 103 -10.70 44.13 6.70
CA PHE B 103 -11.65 43.16 7.23
C PHE B 103 -13.08 43.61 6.99
N GLY B 104 -13.99 42.66 6.85
CA GLY B 104 -15.41 42.98 6.94
C GLY B 104 -15.75 43.38 8.37
N GLY B 105 -16.97 43.85 8.57
CA GLY B 105 -17.37 44.32 9.89
C GLY B 105 -17.81 43.22 10.84
N GLY B 106 -17.89 41.99 10.34
CA GLY B 106 -18.31 40.87 11.17
C GLY B 106 -19.78 40.52 11.05
N THR B 107 -20.09 39.24 11.11
CA THR B 107 -21.47 38.76 11.19
C THR B 107 -21.60 37.92 12.46
N LYS B 108 -22.51 38.30 13.34
CA LYS B 108 -22.68 37.56 14.59
C LYS B 108 -23.63 36.38 14.41
N LEU B 109 -23.15 35.19 14.79
CA LEU B 109 -24.00 34.01 14.77
C LEU B 109 -24.47 33.68 16.19
N GLU B 110 -25.78 33.81 16.42
CA GLU B 110 -26.41 33.39 17.67
C GLU B 110 -27.08 32.03 17.47
N ILE B 111 -27.11 31.24 18.53
CA ILE B 111 -27.84 29.99 18.49
C ILE B 111 -29.25 30.18 19.06
N LYS B 112 -30.25 29.58 18.41
CA LYS B 112 -31.62 29.55 18.93
C LYS B 112 -31.87 28.20 19.60
N ARG B 113 -32.44 28.23 20.80
CA ARG B 113 -32.68 27.00 21.55
C ARG B 113 -33.94 27.08 22.40
N ALA B 114 -34.27 25.99 23.10
CA ALA B 114 -35.46 25.95 23.94
C ALA B 114 -35.31 26.83 25.18
N ASP B 115 -36.43 27.41 25.65
CA ASP B 115 -36.40 28.19 26.89
C ASP B 115 -35.80 27.38 28.04
N ALA B 116 -35.17 28.07 28.99
CA ALA B 116 -34.65 27.41 30.19
C ALA B 116 -34.68 28.34 31.39
N ALA B 117 -35.06 27.78 32.54
CA ALA B 117 -35.11 28.55 33.78
C ALA B 117 -33.71 28.61 34.38
N PRO B 118 -33.36 29.74 35.00
CA PRO B 118 -32.02 29.89 35.58
C PRO B 118 -31.84 29.00 36.79
N THR B 119 -30.58 28.65 37.10
CA THR B 119 -30.24 28.02 38.37
C THR B 119 -29.68 29.12 39.26
N VAL B 120 -30.33 29.37 40.39
CA VAL B 120 -29.95 30.52 41.23
C VAL B 120 -29.18 30.09 42.46
N SER B 121 -28.10 30.82 42.77
CA SER B 121 -27.27 30.51 43.94
C SER B 121 -26.85 31.80 44.63
N ILE B 122 -26.92 31.84 45.96
CA ILE B 122 -26.51 33.03 46.71
C ILE B 122 -25.35 32.67 47.63
N PHE B 123 -24.45 33.63 47.88
CA PHE B 123 -23.25 33.38 48.71
C PHE B 123 -22.97 34.54 49.66
N PRO B 124 -22.81 34.25 50.95
CA PRO B 124 -22.50 35.30 51.94
C PRO B 124 -21.08 35.78 51.68
N PRO B 125 -20.75 37.00 52.14
CA PRO B 125 -19.35 37.44 52.03
C PRO B 125 -18.43 36.43 52.73
N SER B 126 -17.27 36.11 52.15
CA SER B 126 -16.33 35.22 52.83
C SER B 126 -15.73 35.96 54.02
N SER B 127 -15.36 35.23 55.06
CA SER B 127 -14.76 35.82 56.24
C SER B 127 -13.48 36.59 55.90
N GLU B 128 -12.75 36.13 54.89
CA GLU B 128 -11.52 36.80 54.46
C GLU B 128 -11.78 38.20 53.93
N GLN B 129 -12.88 38.36 53.17
CA GLN B 129 -13.20 39.68 52.66
C GLN B 129 -13.58 40.60 53.82
N LEU B 130 -14.33 40.04 54.77
CA LEU B 130 -14.77 40.79 55.94
C LEU B 130 -13.60 41.37 56.74
N THR B 131 -12.53 40.59 56.90
CA THR B 131 -11.35 41.08 57.59
C THR B 131 -10.79 42.37 56.96
N SER B 132 -11.00 42.56 55.66
CA SER B 132 -10.54 43.77 54.97
C SER B 132 -11.54 44.94 55.10
N GLY B 133 -12.71 44.65 55.65
CA GLY B 133 -13.71 45.69 55.91
C GLY B 133 -14.80 45.82 54.86
N GLY B 134 -14.74 44.99 53.82
CA GLY B 134 -15.74 45.01 52.77
C GLY B 134 -16.64 43.79 52.79
N ALA B 135 -17.82 43.91 52.19
CA ALA B 135 -18.78 42.80 52.17
C ALA B 135 -19.49 42.74 50.82
N SER B 136 -19.21 41.68 50.07
CA SER B 136 -19.90 41.48 48.81
C SER B 136 -20.78 40.25 48.95
N VAL B 137 -22.06 40.42 48.65
CA VAL B 137 -22.96 39.30 48.62
C VAL B 137 -23.20 38.96 47.16
N VAL B 138 -22.97 37.71 46.78
CA VAL B 138 -22.99 37.34 45.38
C VAL B 138 -24.13 36.39 45.02
N CYS B 139 -24.80 36.70 43.93
CA CYS B 139 -25.87 35.86 43.43
C CYS B 139 -25.56 35.48 41.98
N PHE B 140 -25.54 34.18 41.69
CA PHE B 140 -25.39 33.70 40.32
C PHE B 140 -26.75 33.27 39.78
N LEU B 141 -27.12 33.78 38.60
CA LEU B 141 -28.35 33.38 37.92
C LEU B 141 -27.88 32.68 36.65
N ASN B 142 -27.78 31.35 36.71
CA ASN B 142 -27.03 30.61 35.69
C ASN B 142 -27.82 29.79 34.68
N ASN B 143 -27.34 29.78 33.44
CA ASN B 143 -27.82 28.89 32.39
C ASN B 143 -29.29 29.00 32.02
N PHE B 144 -29.76 30.22 31.77
CA PHE B 144 -31.13 30.43 31.34
C PHE B 144 -31.22 30.83 29.87
N TYR B 145 -32.42 30.79 29.33
CA TYR B 145 -32.69 31.23 27.96
C TYR B 145 -34.18 31.54 27.88
N PRO B 146 -34.55 32.67 27.28
CA PRO B 146 -33.73 33.61 26.51
C PRO B 146 -32.99 34.66 27.33
N LYS B 147 -32.37 35.60 26.63
CA LYS B 147 -31.42 36.55 27.20
C LYS B 147 -32.06 37.80 27.82
N ASP B 148 -32.91 37.59 28.81
CA ASP B 148 -33.47 38.68 29.59
C ASP B 148 -33.82 38.09 30.96
N ILE B 149 -33.70 38.90 32.00
CA ILE B 149 -33.96 38.44 33.35
C ILE B 149 -34.02 39.65 34.28
N ASN B 150 -34.70 39.51 35.40
CA ASN B 150 -34.68 40.55 36.41
C ASN B 150 -34.18 39.98 37.71
N VAL B 151 -33.46 40.80 38.47
CA VAL B 151 -32.96 40.39 39.76
C VAL B 151 -33.36 41.46 40.76
N LYS B 152 -33.71 41.00 41.96
CA LYS B 152 -34.18 41.88 43.00
C LYS B 152 -33.49 41.46 44.28
N TRP B 153 -32.93 42.41 45.01
CA TRP B 153 -32.31 42.14 46.29
C TRP B 153 -33.21 42.58 47.44
N LYS B 154 -33.35 41.72 48.45
CA LYS B 154 -33.99 42.14 49.68
C LYS B 154 -33.16 41.84 50.91
N ILE B 155 -33.11 42.83 51.79
CA ILE B 155 -32.39 42.77 53.03
C ILE B 155 -33.42 42.94 54.15
N ASP B 156 -33.57 41.92 54.98
CA ASP B 156 -34.57 41.94 56.05
C ASP B 156 -35.96 42.29 55.51
N GLY B 157 -36.28 41.77 54.33
CA GLY B 157 -37.58 42.01 53.73
C GLY B 157 -37.75 43.29 52.93
N SER B 158 -36.78 44.20 53.01
CA SER B 158 -36.90 45.46 52.26
C SER B 158 -36.12 45.43 50.94
N GLU B 159 -36.71 45.95 49.87
CA GLU B 159 -36.01 46.03 48.59
C GLU B 159 -34.74 46.89 48.71
N ARG B 160 -33.65 46.40 48.13
CA ARG B 160 -32.37 47.12 48.15
C ARG B 160 -31.85 47.31 46.71
N GLN B 161 -31.63 48.56 46.32
CA GLN B 161 -31.15 48.89 44.98
C GLN B 161 -29.70 49.36 44.96
N ASN B 162 -29.37 50.26 45.88
CA ASN B 162 -28.04 50.86 45.94
C ASN B 162 -26.95 49.82 46.25
N GLY B 163 -25.88 49.85 45.47
CA GLY B 163 -24.75 48.96 45.70
C GLY B 163 -24.78 47.67 44.90
N VAL B 164 -25.73 47.55 43.98
CA VAL B 164 -25.85 46.36 43.15
C VAL B 164 -25.21 46.56 41.77
N LEU B 165 -24.41 45.58 41.36
CA LEU B 165 -23.82 45.59 40.01
C LEU B 165 -24.09 44.22 39.37
N ASN B 166 -24.49 44.23 38.11
CA ASN B 166 -24.76 43.01 37.37
C ASN B 166 -23.80 42.81 36.22
N SER B 167 -23.51 41.55 35.89
CA SER B 167 -22.62 41.25 34.77
C SER B 167 -23.15 40.04 33.99
N TRP B 168 -23.27 40.19 32.68
CA TRP B 168 -23.79 39.14 31.80
C TRP B 168 -22.66 38.40 31.08
N THR B 169 -22.77 37.08 30.96
CA THR B 169 -21.85 36.35 30.08
C THR B 169 -22.35 36.41 28.63
N ASP B 170 -21.46 36.03 27.70
CA ASP B 170 -21.83 35.79 26.31
C ASP B 170 -22.54 34.44 26.25
N GLN B 171 -23.14 34.11 25.09
CA GLN B 171 -23.87 32.86 24.94
C GLN B 171 -22.92 31.70 25.14
N ASP B 172 -23.40 30.62 25.75
CA ASP B 172 -22.52 29.51 26.10
C ASP B 172 -22.23 28.66 24.87
N SER B 173 -20.98 28.25 24.69
CA SER B 173 -20.58 27.56 23.46
C SER B 173 -20.97 26.09 23.51
N LYS B 174 -21.48 25.65 24.66
CA LYS B 174 -21.86 24.25 24.85
C LYS B 174 -23.38 24.06 24.90
N ASP B 175 -24.06 24.81 25.76
CA ASP B 175 -25.51 24.65 25.90
C ASP B 175 -26.33 25.85 25.40
N SER B 176 -25.63 26.84 24.88
CA SER B 176 -26.27 27.96 24.23
C SER B 176 -27.15 28.81 25.15
N THR B 177 -26.92 28.74 26.46
CA THR B 177 -27.65 29.56 27.42
C THR B 177 -26.86 30.80 27.81
N TYR B 178 -27.46 31.66 28.63
CA TYR B 178 -26.80 32.84 29.18
C TYR B 178 -26.74 32.77 30.72
N SER B 179 -25.84 33.55 31.32
CA SER B 179 -25.75 33.66 32.77
C SER B 179 -25.56 35.12 33.16
N MET B 180 -25.96 35.47 34.38
CA MET B 180 -25.78 36.81 34.92
C MET B 180 -25.43 36.70 36.41
N SER B 181 -24.41 37.43 36.84
CA SER B 181 -24.10 37.57 38.26
C SER B 181 -24.66 38.88 38.78
N SER B 182 -25.11 38.87 40.04
CA SER B 182 -25.53 40.11 40.69
C SER B 182 -24.78 40.25 42.00
N THR B 183 -24.13 41.38 42.20
CA THR B 183 -23.28 41.51 43.38
C THR B 183 -23.69 42.71 44.20
N LEU B 184 -24.04 42.48 45.48
CA LEU B 184 -24.36 43.59 46.39
C LEU B 184 -23.16 43.90 47.28
N THR B 185 -22.66 45.14 47.18
CA THR B 185 -21.45 45.49 47.91
C THR B 185 -21.69 46.63 48.90
N LEU B 186 -21.38 46.36 50.16
CA LEU B 186 -21.44 47.37 51.22
C LEU B 186 -20.31 47.09 52.22
N THR B 187 -20.16 47.92 53.24
CA THR B 187 -19.11 47.69 54.23
C THR B 187 -19.51 46.61 55.23
N LYS B 188 -18.52 46.12 55.97
CA LYS B 188 -18.73 45.08 56.96
C LYS B 188 -19.76 45.51 58.01
N ASP B 189 -19.59 46.72 58.54
CA ASP B 189 -20.49 47.17 59.59
C ASP B 189 -21.92 47.39 59.07
N GLU B 190 -22.04 47.73 57.79
CA GLU B 190 -23.35 47.92 57.18
C GLU B 190 -23.99 46.55 56.92
N TYR B 191 -23.16 45.59 56.53
CA TYR B 191 -23.63 44.24 56.25
C TYR B 191 -24.12 43.57 57.53
N GLU B 192 -23.41 43.82 58.62
CA GLU B 192 -23.68 43.12 59.87
C GLU B 192 -24.87 43.72 60.63
N ARG B 193 -25.48 44.76 60.06
CA ARG B 193 -26.66 45.37 60.66
C ARG B 193 -27.92 44.60 60.32
N HIS B 194 -27.81 43.65 59.40
CA HIS B 194 -28.96 42.92 58.91
C HIS B 194 -28.80 41.42 59.02
N ASN B 195 -29.90 40.70 58.95
CA ASN B 195 -29.88 39.27 59.15
C ASN B 195 -30.14 38.49 57.88
N SER B 196 -31.30 38.71 57.26
CA SER B 196 -31.66 37.90 56.09
C SER B 196 -31.34 38.64 54.79
N TYR B 197 -30.63 37.93 53.91
CA TYR B 197 -30.24 38.44 52.61
C TYR B 197 -30.88 37.56 51.56
N THR B 198 -31.60 38.19 50.64
CA THR B 198 -32.38 37.45 49.65
C THR B 198 -32.12 38.02 48.26
N CYS B 199 -31.96 37.15 47.29
CA CYS B 199 -31.95 37.60 45.90
C CYS B 199 -32.98 36.79 45.12
N GLU B 200 -33.77 37.49 44.32
CA GLU B 200 -34.87 36.87 43.60
C GLU B 200 -34.70 37.08 42.11
N ALA B 201 -34.77 35.97 41.35
CA ALA B 201 -34.69 36.02 39.91
C ALA B 201 -36.10 35.89 39.33
N THR B 202 -36.45 36.78 38.41
CA THR B 202 -37.68 36.60 37.64
C THR B 202 -37.31 36.39 36.18
N HIS B 203 -37.82 35.33 35.59
CA HIS B 203 -37.50 34.99 34.21
C HIS B 203 -38.81 34.61 33.48
N LYS B 204 -38.82 34.65 32.15
CA LYS B 204 -40.09 34.47 31.43
C LYS B 204 -40.69 33.06 31.57
N THR B 205 -39.86 32.12 32.00
CA THR B 205 -40.27 30.73 32.17
C THR B 205 -41.23 30.49 33.35
N SER B 206 -41.48 31.52 34.14
CA SER B 206 -42.41 31.41 35.27
C SER B 206 -42.83 32.79 35.77
N THR B 207 -44.07 32.89 36.23
CA THR B 207 -44.57 34.11 36.86
C THR B 207 -44.09 34.16 38.30
N SER B 208 -43.56 33.04 38.77
CA SER B 208 -43.06 32.93 40.13
C SER B 208 -41.55 33.16 40.18
N PRO B 209 -41.11 34.18 40.93
CA PRO B 209 -39.67 34.38 41.10
C PRO B 209 -39.00 33.17 41.72
N ILE B 210 -37.71 32.99 41.42
CA ILE B 210 -36.90 31.98 42.10
C ILE B 210 -36.13 32.68 43.21
N VAL B 211 -36.32 32.22 44.44
CA VAL B 211 -35.83 32.95 45.60
C VAL B 211 -34.79 32.13 46.32
N LYS B 212 -33.65 32.74 46.58
CA LYS B 212 -32.60 32.09 47.35
C LYS B 212 -32.20 33.09 48.41
N SER B 213 -31.93 32.59 49.61
CA SER B 213 -31.55 33.48 50.70
C SER B 213 -30.70 32.77 51.73
N PHE B 214 -30.10 33.56 52.62
CA PHE B 214 -29.41 33.04 53.79
C PHE B 214 -29.69 34.00 54.95
N ASN B 215 -29.50 33.50 56.17
CA ASN B 215 -29.52 34.35 57.36
C ASN B 215 -28.12 34.41 57.96
N ARG B 216 -27.67 35.61 58.28
CA ARG B 216 -26.31 35.84 58.75
C ARG B 216 -26.00 35.10 60.06
N ASN B 217 -27.03 34.73 60.81
CA ASN B 217 -26.83 33.99 62.08
C ASN B 217 -26.80 32.46 61.95
N ALA B 218 -27.71 31.91 61.15
CA ALA B 218 -27.77 30.46 60.92
C ALA B 218 -26.62 29.98 60.03
N GLN C 1 15.27 -16.38 -15.00
CA GLN C 1 14.91 -17.65 -15.63
C GLN C 1 16.04 -18.68 -15.51
N VAL C 2 15.89 -19.60 -14.57
CA VAL C 2 16.84 -20.68 -14.39
C VAL C 2 16.82 -21.52 -15.66
N GLN C 3 17.99 -21.80 -16.23
CA GLN C 3 18.05 -22.66 -17.41
C GLN C 3 19.19 -23.66 -17.30
N LEU C 4 18.93 -24.90 -17.71
CA LEU C 4 19.95 -25.95 -17.74
C LEU C 4 20.02 -26.44 -19.15
N GLN C 5 21.18 -26.26 -19.79
CA GLN C 5 21.32 -26.58 -21.20
C GLN C 5 22.15 -27.85 -21.40
N GLN C 6 21.53 -28.87 -22.00
CA GLN C 6 22.19 -30.11 -22.35
C GLN C 6 22.16 -30.36 -23.85
N PRO C 7 23.25 -30.93 -24.41
CA PRO C 7 23.27 -31.26 -25.85
C PRO C 7 22.24 -32.34 -26.14
N GLY C 8 21.64 -32.32 -27.32
CA GLY C 8 20.59 -33.27 -27.63
C GLY C 8 21.02 -34.73 -27.70
N ALA C 9 22.23 -34.98 -28.17
CA ALA C 9 22.61 -36.35 -28.48
C ALA C 9 24.11 -36.60 -28.34
N GLU C 10 24.47 -37.84 -28.02
CA GLU C 10 25.85 -38.30 -28.07
C GLU C 10 25.85 -39.72 -28.56
N LEU C 11 26.61 -39.99 -29.62
CA LEU C 11 26.85 -41.34 -30.13
C LEU C 11 28.30 -41.69 -29.81
N VAL C 12 28.49 -42.81 -29.11
CA VAL C 12 29.85 -43.28 -28.87
C VAL C 12 29.91 -44.81 -28.92
N ARG C 13 31.06 -45.34 -29.35
CA ARG C 13 31.26 -46.78 -29.52
C ARG C 13 31.35 -47.52 -28.18
N PRO C 14 30.88 -48.78 -28.14
CA PRO C 14 31.02 -49.60 -26.92
C PRO C 14 32.46 -49.54 -26.42
N GLY C 15 32.66 -49.59 -25.12
CA GLY C 15 34.00 -49.55 -24.55
C GLY C 15 34.56 -48.16 -24.34
N ALA C 16 34.06 -47.17 -25.08
CA ALA C 16 34.62 -45.83 -24.96
C ALA C 16 33.97 -45.11 -23.78
N SER C 17 34.37 -43.87 -23.55
CA SER C 17 33.71 -43.06 -22.53
C SER C 17 33.18 -41.73 -23.11
N VAL C 18 32.36 -41.03 -22.33
CA VAL C 18 31.72 -39.82 -22.82
C VAL C 18 31.54 -38.86 -21.65
N LYS C 19 31.59 -37.57 -21.93
CA LYS C 19 31.41 -36.58 -20.87
C LYS C 19 30.19 -35.72 -21.21
N LEU C 20 29.07 -35.99 -20.53
CA LEU C 20 27.83 -35.23 -20.74
C LEU C 20 27.93 -33.91 -20.01
N SER C 21 27.41 -32.86 -20.63
CA SER C 21 27.49 -31.53 -20.04
C SER C 21 26.09 -30.97 -19.74
N CYS C 22 26.05 -30.05 -18.80
CA CYS C 22 24.83 -29.38 -18.39
C CYS C 22 25.23 -27.96 -18.00
N LYS C 23 24.94 -27.00 -18.86
CA LYS C 23 25.35 -25.61 -18.59
C LYS C 23 24.24 -24.85 -17.89
N ALA C 24 24.54 -24.32 -16.71
CA ALA C 24 23.55 -23.67 -15.85
C ALA C 24 23.61 -22.15 -16.01
N SER C 25 22.46 -21.49 -15.91
CA SER C 25 22.40 -20.02 -15.93
C SER C 25 21.14 -19.53 -15.21
N GLY C 26 21.16 -18.28 -14.79
CA GLY C 26 19.99 -17.64 -14.20
C GLY C 26 19.92 -17.74 -12.68
N TYR C 27 21.01 -18.22 -12.07
CA TYR C 27 21.09 -18.34 -10.63
C TYR C 27 22.55 -18.52 -10.25
N THR C 28 22.86 -18.49 -8.95
CA THR C 28 24.22 -18.69 -8.51
C THR C 28 24.55 -20.17 -8.47
N PHE C 29 25.34 -20.62 -9.46
CA PHE C 29 25.66 -22.03 -9.70
C PHE C 29 26.11 -22.83 -8.47
N THR C 30 26.93 -22.20 -7.64
CA THR C 30 27.51 -22.90 -6.50
C THR C 30 26.54 -23.09 -5.35
N SER C 31 25.33 -22.53 -5.46
CA SER C 31 24.38 -22.55 -4.36
C SER C 31 23.56 -23.82 -4.18
N TYR C 32 23.40 -24.60 -5.24
CA TYR C 32 22.46 -25.73 -5.22
C TYR C 32 23.05 -27.03 -5.76
N TRP C 33 22.70 -28.13 -5.09
CA TRP C 33 23.06 -29.47 -5.54
C TRP C 33 22.43 -29.80 -6.88
N MET C 34 23.21 -30.47 -7.72
CA MET C 34 22.76 -30.84 -9.06
C MET C 34 22.64 -32.35 -9.18
N ASN C 35 21.44 -32.86 -9.49
CA ASN C 35 21.23 -34.29 -9.67
C ASN C 35 21.45 -34.74 -11.12
N TRP C 36 21.73 -36.03 -11.29
CA TRP C 36 21.73 -36.60 -12.62
C TRP C 36 20.83 -37.82 -12.59
N VAL C 37 20.01 -37.96 -13.62
CA VAL C 37 18.96 -38.96 -13.64
C VAL C 37 19.02 -39.69 -14.97
N LYS C 38 18.80 -41.00 -14.93
CA LYS C 38 18.83 -41.83 -16.12
C LYS C 38 17.43 -42.35 -16.42
N GLN C 39 17.08 -42.39 -17.70
CA GLN C 39 15.79 -42.94 -18.11
C GLN C 39 15.90 -43.69 -19.44
N ARG C 40 15.59 -44.97 -19.41
CA ARG C 40 15.58 -45.79 -20.60
C ARG C 40 14.23 -45.69 -21.32
N PRO C 41 14.19 -46.00 -22.64
CA PRO C 41 12.97 -45.89 -23.44
C PRO C 41 11.78 -46.61 -22.81
N GLY C 42 10.72 -45.86 -22.52
CA GLY C 42 9.51 -46.40 -21.93
C GLY C 42 9.63 -46.91 -20.49
N GLN C 43 10.73 -46.58 -19.82
CA GLN C 43 10.92 -47.02 -18.43
C GLN C 43 10.81 -45.83 -17.47
N GLY C 44 10.99 -46.11 -16.18
CA GLY C 44 10.94 -45.08 -15.15
C GLY C 44 12.23 -44.30 -15.00
N LEU C 45 12.32 -43.52 -13.93
CA LEU C 45 13.49 -42.69 -13.68
C LEU C 45 14.42 -43.41 -12.71
N GLU C 46 15.72 -43.23 -12.89
CA GLU C 46 16.69 -43.83 -11.96
C GLU C 46 17.67 -42.75 -11.54
N TRP C 47 17.87 -42.57 -10.24
CA TRP C 47 18.78 -41.52 -9.77
C TRP C 47 20.23 -42.02 -9.80
N ILE C 48 21.12 -41.23 -10.40
CA ILE C 48 22.51 -41.62 -10.55
C ILE C 48 23.35 -41.09 -9.41
N GLY C 49 23.13 -39.82 -9.06
CA GLY C 49 23.95 -39.17 -8.04
C GLY C 49 23.81 -37.68 -8.08
N LEU C 50 24.53 -36.98 -7.20
CA LEU C 50 24.47 -35.52 -7.24
C LEU C 50 25.83 -34.96 -6.88
N ILE C 51 26.04 -33.71 -7.24
CA ILE C 51 27.30 -33.03 -6.92
C ILE C 51 26.97 -31.68 -6.32
N ASP C 52 27.82 -31.24 -5.41
CA ASP C 52 27.73 -29.93 -4.80
C ASP C 52 28.76 -29.08 -5.55
N PRO C 53 28.29 -28.11 -6.35
CA PRO C 53 29.21 -27.39 -7.23
C PRO C 53 30.18 -26.47 -6.46
N SER C 54 29.87 -26.11 -5.22
CA SER C 54 30.78 -25.22 -4.49
C SER C 54 32.09 -25.92 -4.11
N ASP C 55 32.01 -27.22 -3.79
CA ASP C 55 33.19 -27.93 -3.31
C ASP C 55 33.46 -29.27 -4.04
N SER C 56 32.64 -29.57 -5.02
CA SER C 56 32.73 -30.80 -5.82
C SER C 56 32.48 -32.09 -5.06
N GLU C 57 31.96 -32.00 -3.84
CA GLU C 57 31.56 -33.20 -3.09
C GLU C 57 30.44 -33.93 -3.82
N THR C 58 30.49 -35.26 -3.85
CA THR C 58 29.53 -36.05 -4.60
C THR C 58 28.82 -37.09 -3.76
N HIS C 59 27.66 -37.54 -4.25
CA HIS C 59 26.94 -38.64 -3.63
C HIS C 59 26.45 -39.51 -4.76
N TYR C 60 26.82 -40.78 -4.75
CA TYR C 60 26.43 -41.66 -5.84
C TYR C 60 25.44 -42.73 -5.38
N ASN C 61 24.54 -43.09 -6.28
CA ASN C 61 23.82 -44.35 -6.19
C ASN C 61 24.88 -45.43 -6.48
N GLN C 62 25.06 -46.35 -5.54
CA GLN C 62 26.13 -47.35 -5.66
C GLN C 62 26.06 -48.17 -6.96
N MET C 63 24.87 -48.31 -7.53
CA MET C 63 24.73 -48.96 -8.83
C MET C 63 25.57 -48.30 -9.93
N PHE C 64 25.97 -47.04 -9.71
CA PHE C 64 26.77 -46.32 -10.71
C PHE C 64 28.19 -46.07 -10.27
N LYS C 65 28.55 -46.69 -9.14
CA LYS C 65 29.86 -46.56 -8.50
C LYS C 65 31.04 -46.29 -9.46
N ASP C 66 31.34 -47.22 -10.35
CA ASP C 66 32.49 -46.93 -11.22
C ASP C 66 32.10 -46.65 -12.67
N LYS C 67 30.83 -46.32 -12.86
CA LYS C 67 30.29 -46.00 -14.16
C LYS C 67 30.29 -44.47 -14.36
N ALA C 68 29.79 -43.74 -13.37
CA ALA C 68 29.65 -42.28 -13.45
C ALA C 68 30.64 -41.53 -12.58
N THR C 69 31.18 -40.45 -13.12
CA THR C 69 32.02 -39.52 -12.35
C THR C 69 31.48 -38.12 -12.59
N LEU C 70 31.07 -37.46 -11.52
CA LEU C 70 30.50 -36.12 -11.60
C LEU C 70 31.58 -35.07 -11.29
N THR C 71 31.64 -34.02 -12.12
CA THR C 71 32.53 -32.88 -11.85
C THR C 71 31.80 -31.59 -12.25
N VAL C 72 32.36 -30.44 -11.86
CA VAL C 72 31.87 -29.15 -12.33
C VAL C 72 33.04 -28.29 -12.80
N ASP C 73 32.74 -27.32 -13.64
CA ASP C 73 33.65 -26.23 -13.94
C ASP C 73 32.94 -24.96 -13.46
N LYS C 74 33.41 -24.38 -12.36
CA LYS C 74 32.71 -23.22 -11.82
C LYS C 74 32.86 -21.98 -12.70
N SER C 75 33.94 -21.93 -13.47
CA SER C 75 34.22 -20.78 -14.33
C SER C 75 33.21 -20.62 -15.45
N SER C 76 32.57 -21.71 -15.84
CA SER C 76 31.64 -21.70 -16.95
C SER C 76 30.27 -22.20 -16.49
N SER C 77 30.11 -22.31 -15.18
CA SER C 77 28.88 -22.81 -14.57
C SER C 77 28.34 -24.07 -15.24
N THR C 78 29.21 -25.05 -15.46
CA THR C 78 28.81 -26.26 -16.17
C THR C 78 29.01 -27.48 -15.27
N ALA C 79 28.05 -28.39 -15.25
CA ALA C 79 28.23 -29.66 -14.54
C ALA C 79 28.48 -30.75 -15.57
N TYR C 80 29.32 -31.72 -15.23
CA TYR C 80 29.64 -32.79 -16.17
C TYR C 80 29.38 -34.15 -15.55
N MET C 81 28.92 -35.09 -16.36
CA MET C 81 28.89 -36.49 -15.94
C MET C 81 29.68 -37.32 -16.94
N GLN C 82 30.76 -37.93 -16.49
CA GLN C 82 31.52 -38.84 -17.35
C GLN C 82 30.98 -40.25 -17.17
N LEU C 83 30.72 -40.96 -18.26
CA LEU C 83 30.30 -42.36 -18.15
C LEU C 83 31.38 -43.18 -18.85
N SER C 84 31.91 -44.18 -18.17
CA SER C 84 33.06 -44.95 -18.67
C SER C 84 32.67 -46.32 -19.17
N SER C 85 33.58 -46.92 -19.95
CA SER C 85 33.46 -48.31 -20.41
C SER C 85 32.05 -48.63 -20.87
N LEU C 86 31.58 -47.89 -21.88
CA LEU C 86 30.17 -47.94 -22.25
C LEU C 86 29.70 -49.23 -22.90
N THR C 87 28.51 -49.66 -22.52
CA THR C 87 27.83 -50.81 -23.09
C THR C 87 26.45 -50.33 -23.54
N SER C 88 25.75 -51.15 -24.31
CA SER C 88 24.44 -50.78 -24.79
C SER C 88 23.46 -50.57 -23.64
N GLU C 89 23.82 -51.05 -22.45
CA GLU C 89 22.95 -50.88 -21.31
C GLU C 89 22.97 -49.43 -20.82
N ASP C 90 23.97 -48.68 -21.27
CA ASP C 90 24.08 -47.28 -20.91
C ASP C 90 23.28 -46.38 -21.87
N SER C 91 22.81 -46.93 -22.99
CA SER C 91 21.99 -46.16 -23.91
C SER C 91 20.71 -45.69 -23.22
N ALA C 92 20.56 -44.38 -23.08
CA ALA C 92 19.41 -43.81 -22.40
C ALA C 92 19.36 -42.29 -22.58
N VAL C 93 18.33 -41.67 -22.03
CA VAL C 93 18.29 -40.23 -21.89
C VAL C 93 18.83 -39.88 -20.51
N TYR C 94 19.74 -38.91 -20.44
CA TYR C 94 20.26 -38.46 -19.15
C TYR C 94 19.89 -37.01 -18.88
N TYR C 95 19.23 -36.77 -17.76
CA TYR C 95 18.85 -35.42 -17.35
C TYR C 95 19.78 -34.91 -16.26
N CYS C 96 20.15 -33.62 -16.29
CA CYS C 96 20.63 -32.95 -15.09
C CYS C 96 19.41 -32.21 -14.54
N ALA C 97 19.31 -32.15 -13.22
CA ALA C 97 18.21 -31.45 -12.58
C ALA C 97 18.74 -30.74 -11.37
N ARG C 98 18.51 -29.44 -11.29
CA ARG C 98 18.94 -28.72 -10.10
C ARG C 98 17.85 -28.86 -9.06
N GLY C 99 18.10 -29.69 -8.06
CA GLY C 99 17.04 -30.07 -7.14
C GLY C 99 15.96 -30.73 -7.96
N GLY C 100 14.69 -30.47 -7.66
CA GLY C 100 13.62 -31.14 -8.36
C GLY C 100 12.80 -30.25 -9.26
N THR C 101 13.01 -28.94 -9.15
CA THR C 101 12.18 -27.99 -9.91
C THR C 101 12.68 -27.74 -11.34
N TYR C 102 14.00 -27.68 -11.53
CA TYR C 102 14.57 -27.34 -12.83
C TYR C 102 15.30 -28.48 -13.48
N TRP C 103 14.80 -28.89 -14.64
CA TRP C 103 15.35 -30.02 -15.37
C TRP C 103 15.92 -29.57 -16.71
N GLY C 104 17.01 -30.22 -17.13
CA GLY C 104 17.52 -30.03 -18.48
C GLY C 104 16.60 -30.76 -19.43
N GLN C 105 16.81 -30.58 -20.72
CA GLN C 105 16.01 -31.26 -21.73
C GLN C 105 16.43 -32.70 -21.94
N GLY C 106 17.61 -33.05 -21.42
CA GLY C 106 18.08 -34.42 -21.50
C GLY C 106 18.99 -34.61 -22.70
N THR C 107 20.01 -35.45 -22.53
CA THR C 107 20.83 -35.86 -23.66
C THR C 107 20.52 -37.31 -23.95
N THR C 108 20.25 -37.63 -25.22
CA THR C 108 20.07 -39.01 -25.63
C THR C 108 21.42 -39.62 -25.96
N LEU C 109 21.89 -40.52 -25.11
CA LEU C 109 23.16 -41.20 -25.35
C LEU C 109 22.91 -42.50 -26.10
N THR C 110 23.60 -42.68 -27.21
CA THR C 110 23.48 -43.95 -27.94
C THR C 110 24.84 -44.64 -27.96
N VAL C 111 24.88 -45.90 -27.54
CA VAL C 111 26.13 -46.66 -27.53
C VAL C 111 26.04 -47.72 -28.62
N SER C 112 26.81 -47.53 -29.67
CA SER C 112 26.66 -48.33 -30.87
C SER C 112 27.89 -48.19 -31.76
N ALA C 113 28.17 -49.26 -32.49
CA ALA C 113 29.24 -49.24 -33.50
C ALA C 113 28.75 -48.55 -34.79
N ALA C 114 27.44 -48.35 -34.88
CA ALA C 114 26.87 -47.72 -36.07
C ALA C 114 27.29 -46.24 -36.16
N LYS C 115 27.25 -45.72 -37.38
CA LYS C 115 27.78 -44.39 -37.68
C LYS C 115 26.68 -43.33 -37.79
N THR C 116 27.01 -42.08 -37.49
CA THR C 116 26.05 -40.99 -37.62
C THR C 116 25.60 -40.82 -39.08
N THR C 117 24.29 -40.74 -39.29
CA THR C 117 23.70 -40.56 -40.61
C THR C 117 22.60 -39.51 -40.51
N PRO C 118 22.72 -38.41 -41.27
CA PRO C 118 21.66 -37.41 -41.32
C PRO C 118 20.42 -37.94 -42.04
N PRO C 119 19.25 -37.40 -41.68
CA PRO C 119 18.00 -37.87 -42.29
C PRO C 119 17.88 -37.36 -43.72
N SER C 120 17.24 -38.12 -44.61
CA SER C 120 16.73 -37.55 -45.84
C SER C 120 15.33 -37.04 -45.52
N VAL C 121 14.97 -35.82 -45.95
CA VAL C 121 13.64 -35.31 -45.64
C VAL C 121 12.81 -35.17 -46.92
N TYR C 122 11.75 -35.96 -47.04
CA TYR C 122 10.89 -35.92 -48.22
C TYR C 122 9.56 -35.21 -47.94
N PRO C 123 9.19 -34.26 -48.80
CA PRO C 123 7.93 -33.54 -48.62
C PRO C 123 6.76 -34.42 -49.05
N LEU C 124 5.68 -34.43 -48.29
CA LEU C 124 4.49 -35.18 -48.66
C LEU C 124 3.38 -34.19 -49.01
N ALA C 125 3.21 -33.92 -50.31
CA ALA C 125 2.12 -33.10 -50.81
C ALA C 125 0.97 -34.02 -51.23
N PRO C 126 -0.26 -33.52 -51.22
CA PRO C 126 -1.41 -34.38 -51.57
C PRO C 126 -1.29 -35.07 -52.94
N GLY C 127 -1.78 -36.31 -53.03
CA GLY C 127 -1.78 -37.05 -54.27
C GLY C 127 -3.05 -36.83 -55.09
N SER C 128 -3.90 -35.92 -54.63
CA SER C 128 -5.16 -35.62 -55.30
C SER C 128 -5.75 -34.32 -54.78
N ALA C 129 -6.94 -33.98 -55.29
CA ALA C 129 -7.62 -32.73 -54.91
C ALA C 129 -8.58 -32.92 -53.71
N ALA C 130 -8.58 -34.12 -53.12
CA ALA C 130 -9.44 -34.41 -51.98
C ALA C 130 -9.20 -33.42 -50.82
N GLN C 131 -10.29 -33.06 -50.14
CA GLN C 131 -10.23 -32.20 -48.96
C GLN C 131 -11.05 -32.90 -47.88
N THR C 132 -10.70 -32.68 -46.61
CA THR C 132 -11.50 -33.15 -45.49
C THR C 132 -12.01 -31.94 -44.72
N ASN C 133 -13.31 -31.65 -44.87
CA ASN C 133 -13.93 -30.45 -44.31
C ASN C 133 -13.21 -29.13 -44.65
N SER C 134 -12.89 -28.95 -45.93
CA SER C 134 -12.13 -27.80 -46.43
C SER C 134 -10.66 -27.73 -45.97
N MET C 135 -10.21 -28.76 -45.25
CA MET C 135 -8.82 -28.84 -44.81
C MET C 135 -8.01 -29.76 -45.71
N VAL C 136 -6.71 -29.50 -45.79
CA VAL C 136 -5.78 -30.38 -46.50
C VAL C 136 -4.70 -30.83 -45.52
N THR C 137 -4.28 -32.09 -45.63
CA THR C 137 -3.20 -32.61 -44.79
C THR C 137 -1.91 -32.66 -45.62
N LEU C 138 -0.83 -32.14 -45.03
CA LEU C 138 0.49 -32.24 -45.64
C LEU C 138 1.39 -33.01 -44.67
N GLY C 139 2.56 -33.43 -45.12
CA GLY C 139 3.45 -34.14 -44.22
C GLY C 139 4.91 -34.03 -44.65
N CYS C 140 5.80 -34.50 -43.80
CA CYS C 140 7.13 -34.82 -44.26
C CYS C 140 7.61 -36.12 -43.65
N LEU C 141 8.42 -36.80 -44.44
CA LEU C 141 8.93 -38.11 -44.08
C LEU C 141 10.40 -37.91 -43.80
N VAL C 142 10.83 -38.26 -42.60
CA VAL C 142 12.18 -37.99 -42.14
C VAL C 142 12.85 -39.33 -42.02
N LYS C 143 13.67 -39.68 -43.00
CA LYS C 143 14.00 -41.07 -43.19
C LYS C 143 15.51 -41.38 -43.20
N GLY C 144 15.90 -42.45 -42.52
CA GLY C 144 17.23 -43.01 -42.67
C GLY C 144 18.27 -42.31 -41.85
N TYR C 145 17.90 -41.89 -40.64
CA TYR C 145 18.86 -41.19 -39.80
C TYR C 145 19.36 -42.04 -38.61
N PHE C 146 20.49 -41.65 -38.04
CA PHE C 146 21.02 -42.31 -36.85
C PHE C 146 22.01 -41.36 -36.21
N PRO C 147 21.99 -41.26 -34.87
CA PRO C 147 21.09 -41.87 -33.89
C PRO C 147 19.92 -40.92 -33.59
N GLU C 148 19.04 -41.31 -32.67
CA GLU C 148 17.99 -40.44 -32.17
C GLU C 148 18.63 -39.27 -31.44
N PRO C 149 17.91 -38.15 -31.31
CA PRO C 149 16.56 -37.89 -31.80
C PRO C 149 16.57 -36.93 -32.99
N VAL C 150 15.39 -36.73 -33.59
CA VAL C 150 15.17 -35.57 -34.45
C VAL C 150 14.01 -34.76 -33.88
N THR C 151 14.00 -33.46 -34.16
CA THR C 151 12.87 -32.60 -33.79
C THR C 151 12.28 -32.05 -35.07
N VAL C 152 10.95 -31.98 -35.13
CA VAL C 152 10.24 -31.47 -36.29
C VAL C 152 9.33 -30.33 -35.86
N THR C 153 9.34 -29.23 -36.60
CA THR C 153 8.36 -28.16 -36.42
C THR C 153 7.85 -27.76 -37.79
N TRP C 154 6.77 -26.99 -37.82
CA TRP C 154 6.23 -26.49 -39.07
C TRP C 154 6.25 -24.96 -39.08
N ASN C 155 6.65 -24.38 -40.21
CA ASN C 155 6.84 -22.93 -40.30
C ASN C 155 7.55 -22.37 -39.07
N SER C 156 8.63 -23.03 -38.68
CA SER C 156 9.46 -22.60 -37.55
C SER C 156 8.67 -22.50 -36.25
N GLY C 157 7.64 -23.33 -36.11
CA GLY C 157 6.89 -23.40 -34.87
C GLY C 157 5.66 -22.53 -34.84
N SER C 158 5.46 -21.70 -35.87
CA SER C 158 4.32 -20.80 -35.89
C SER C 158 3.06 -21.59 -36.30
N LEU C 159 3.30 -22.77 -36.85
CA LEU C 159 2.23 -23.70 -37.20
C LEU C 159 2.34 -24.85 -36.19
N SER C 160 1.54 -24.81 -35.14
CA SER C 160 1.68 -25.80 -34.07
C SER C 160 0.40 -26.60 -33.83
N SER C 161 -0.74 -25.96 -34.03
CA SER C 161 -2.03 -26.61 -33.92
C SER C 161 -2.29 -27.53 -35.11
N GLY C 162 -2.78 -28.75 -34.85
CA GLY C 162 -3.10 -29.67 -35.93
C GLY C 162 -1.91 -30.47 -36.42
N VAL C 163 -0.82 -30.44 -35.66
CA VAL C 163 0.41 -31.15 -36.01
C VAL C 163 0.47 -32.49 -35.27
N HIS C 164 0.89 -33.54 -35.96
CA HIS C 164 1.20 -34.82 -35.33
C HIS C 164 2.58 -35.27 -35.78
N THR C 165 3.49 -35.49 -34.84
CA THR C 165 4.83 -35.99 -35.16
C THR C 165 4.98 -37.38 -34.54
N PHE C 166 5.19 -38.39 -35.38
CA PHE C 166 5.13 -39.78 -34.91
C PHE C 166 6.46 -40.31 -34.36
N PRO C 167 6.40 -41.24 -33.38
CA PRO C 167 7.64 -41.82 -32.86
C PRO C 167 8.39 -42.54 -33.97
N ALA C 168 9.72 -42.49 -33.94
CA ALA C 168 10.55 -43.13 -34.97
C ALA C 168 10.45 -44.65 -34.90
N VAL C 169 10.62 -45.30 -36.05
CA VAL C 169 10.77 -46.75 -36.08
C VAL C 169 12.19 -47.04 -36.53
N LEU C 170 12.81 -48.05 -35.91
CA LEU C 170 14.19 -48.42 -36.19
C LEU C 170 14.25 -49.64 -37.08
N GLN C 171 15.08 -49.59 -38.13
CA GLN C 171 15.32 -50.76 -38.96
C GLN C 171 16.68 -50.72 -39.67
N SER C 172 17.46 -51.78 -39.49
CA SER C 172 18.80 -51.87 -40.09
C SER C 172 19.66 -50.70 -39.62
N ASP C 173 19.54 -50.38 -38.33
CA ASP C 173 20.30 -49.30 -37.71
C ASP C 173 20.01 -47.92 -38.29
N LEU C 174 18.81 -47.74 -38.85
CA LEU C 174 18.40 -46.41 -39.28
C LEU C 174 16.99 -46.15 -38.77
N TYR C 175 16.74 -44.91 -38.34
CA TYR C 175 15.40 -44.55 -37.87
C TYR C 175 14.62 -43.82 -38.96
N THR C 176 13.30 -43.93 -38.92
CA THR C 176 12.42 -43.21 -39.82
C THR C 176 11.19 -42.73 -39.04
N LEU C 177 10.81 -41.47 -39.23
CA LEU C 177 9.55 -40.99 -38.67
C LEU C 177 8.84 -40.10 -39.70
N SER C 178 7.62 -39.68 -39.37
CA SER C 178 6.88 -38.77 -40.23
C SER C 178 6.14 -37.76 -39.37
N SER C 179 5.83 -36.61 -39.94
CA SER C 179 5.06 -35.60 -39.24
C SER C 179 3.96 -35.16 -40.19
N SER C 180 2.78 -34.88 -39.66
CA SER C 180 1.72 -34.35 -40.51
C SER C 180 1.24 -33.01 -39.99
N VAL C 181 0.75 -32.16 -40.91
CA VAL C 181 0.11 -30.92 -40.50
C VAL C 181 -1.14 -30.70 -41.34
N THR C 182 -2.19 -30.17 -40.70
CA THR C 182 -3.47 -29.96 -41.37
C THR C 182 -3.78 -28.46 -41.43
N VAL C 183 -4.02 -27.96 -42.63
CA VAL C 183 -4.29 -26.54 -42.85
C VAL C 183 -5.52 -26.34 -43.77
N PRO C 184 -6.14 -25.15 -43.71
CA PRO C 184 -7.31 -24.91 -44.60
C PRO C 184 -6.88 -24.98 -46.06
N SER C 185 -7.67 -25.66 -46.91
CA SER C 185 -7.33 -25.77 -48.33
C SER C 185 -7.17 -24.40 -49.00
N SER C 186 -7.83 -23.39 -48.45
CA SER C 186 -7.79 -22.05 -49.06
C SER C 186 -6.45 -21.35 -48.80
N THR C 187 -5.63 -21.95 -47.93
CA THR C 187 -4.33 -21.34 -47.61
C THR C 187 -3.15 -22.10 -48.20
N TRP C 188 -3.40 -23.23 -48.83
CA TRP C 188 -2.32 -23.94 -49.50
C TRP C 188 -2.76 -24.33 -50.89
N PRO C 189 -1.90 -24.12 -51.90
CA PRO C 189 -0.50 -23.68 -51.84
C PRO C 189 -0.30 -22.16 -51.80
N SER C 190 -1.37 -21.39 -51.67
CA SER C 190 -1.24 -19.92 -51.69
C SER C 190 -0.29 -19.40 -50.61
N GLU C 191 -0.31 -20.01 -49.43
CA GLU C 191 0.64 -19.70 -48.36
C GLU C 191 1.68 -20.81 -48.24
N THR C 192 2.92 -20.46 -47.90
CA THR C 192 3.97 -21.48 -47.78
C THR C 192 3.86 -22.30 -46.49
N VAL C 193 4.05 -23.60 -46.63
CA VAL C 193 4.18 -24.50 -45.48
C VAL C 193 5.53 -25.20 -45.58
N THR C 194 6.33 -25.12 -44.53
CA THR C 194 7.66 -25.71 -44.53
C THR C 194 7.86 -26.58 -43.30
N CYS C 195 8.36 -27.79 -43.48
CA CYS C 195 8.71 -28.56 -42.28
C CYS C 195 10.19 -28.42 -41.95
N ASN C 196 10.48 -28.14 -40.68
CA ASN C 196 11.84 -27.91 -40.24
C ASN C 196 12.30 -29.09 -39.40
N VAL C 197 13.39 -29.72 -39.84
CA VAL C 197 13.87 -30.93 -39.19
C VAL C 197 15.26 -30.66 -38.66
N ALA C 198 15.51 -30.98 -37.40
CA ALA C 198 16.83 -30.81 -36.83
C ALA C 198 17.30 -32.17 -36.35
N HIS C 199 18.58 -32.47 -36.59
CA HIS C 199 19.17 -33.74 -36.16
C HIS C 199 20.45 -33.41 -35.43
N PRO C 200 20.36 -33.28 -34.11
CA PRO C 200 21.49 -32.75 -33.33
C PRO C 200 22.79 -33.54 -33.48
N ALA C 201 22.71 -34.86 -33.62
CA ALA C 201 23.94 -35.64 -33.66
C ALA C 201 24.81 -35.30 -34.88
N SER C 202 24.20 -34.93 -36.01
CA SER C 202 24.97 -34.57 -37.20
C SER C 202 25.02 -33.07 -37.42
N SER C 203 24.50 -32.30 -36.46
CA SER C 203 24.44 -30.84 -36.55
C SER C 203 23.75 -30.34 -37.82
N THR C 204 22.74 -31.09 -38.27
CA THR C 204 22.07 -30.83 -39.53
C THR C 204 20.68 -30.25 -39.29
N LYS C 205 20.27 -29.30 -40.15
CA LYS C 205 18.90 -28.81 -40.16
C LYS C 205 18.40 -28.82 -41.59
N VAL C 206 17.19 -29.31 -41.79
CA VAL C 206 16.57 -29.26 -43.12
C VAL C 206 15.29 -28.41 -43.06
N ASP C 207 15.10 -27.54 -44.05
CA ASP C 207 13.87 -26.75 -44.11
C ASP C 207 13.16 -27.06 -45.43
N LYS C 208 12.29 -28.06 -45.43
CA LYS C 208 11.69 -28.54 -46.68
C LYS C 208 10.33 -27.88 -46.96
N LYS C 209 10.29 -27.05 -47.98
CA LYS C 209 9.04 -26.42 -48.40
C LYS C 209 8.16 -27.47 -49.07
N ILE C 210 6.88 -27.53 -48.69
CA ILE C 210 5.97 -28.48 -49.30
C ILE C 210 5.35 -27.83 -50.54
N VAL C 211 5.61 -28.38 -51.72
CA VAL C 211 5.09 -27.78 -52.96
C VAL C 211 4.22 -28.76 -53.74
N PRO C 212 3.25 -28.26 -54.50
CA PRO C 212 2.39 -29.19 -55.21
C PRO C 212 3.14 -30.12 -56.15
N ARG C 213 2.63 -31.35 -56.27
CA ARG C 213 3.18 -32.31 -57.20
C ARG C 213 2.98 -31.84 -58.64
N ASP C 214 3.95 -32.14 -59.49
CA ASP C 214 3.78 -31.98 -60.92
C ASP C 214 4.46 -33.16 -61.62
N CYS C 215 4.33 -33.23 -62.94
CA CYS C 215 4.94 -34.29 -63.71
C CYS C 215 5.98 -33.71 -64.64
N ASP D 1 17.95 -49.79 0.08
CA ASP D 1 17.39 -48.60 -0.54
C ASP D 1 15.89 -48.50 -0.24
N VAL D 2 15.38 -47.27 -0.07
CA VAL D 2 13.95 -47.07 0.17
C VAL D 2 13.16 -47.48 -1.05
N VAL D 3 12.16 -48.32 -0.85
CA VAL D 3 11.29 -48.77 -1.92
C VAL D 3 10.02 -47.93 -1.92
N MET D 4 9.71 -47.34 -3.07
CA MET D 4 8.54 -46.50 -3.27
C MET D 4 7.54 -47.27 -4.13
N THR D 5 6.33 -47.45 -3.61
CA THR D 5 5.32 -48.26 -4.28
C THR D 5 4.13 -47.39 -4.59
N GLN D 6 3.83 -47.20 -5.88
CA GLN D 6 2.70 -46.38 -6.29
C GLN D 6 1.48 -47.21 -6.65
N THR D 7 0.31 -46.62 -6.43
CA THR D 7 -0.96 -47.26 -6.69
C THR D 7 -1.94 -46.18 -7.12
N PRO D 8 -2.70 -46.41 -8.20
CA PRO D 8 -2.62 -47.57 -9.08
C PRO D 8 -1.58 -47.38 -10.18
N LEU D 9 -1.38 -48.40 -11.00
CA LEU D 9 -0.42 -48.30 -12.07
C LEU D 9 -0.97 -47.46 -13.21
N THR D 10 -2.28 -47.50 -13.38
CA THR D 10 -2.93 -46.77 -14.46
C THR D 10 -4.21 -46.12 -13.94
N LEU D 11 -4.44 -44.88 -14.35
CA LEU D 11 -5.66 -44.16 -14.03
C LEU D 11 -6.34 -43.80 -15.34
N SER D 12 -7.63 -44.10 -15.44
CA SER D 12 -8.44 -43.71 -16.60
C SER D 12 -9.63 -42.87 -16.16
N VAL D 13 -9.65 -41.59 -16.56
CA VAL D 13 -10.66 -40.66 -16.08
C VAL D 13 -11.23 -39.77 -17.17
N THR D 14 -12.46 -39.31 -16.95
CA THR D 14 -13.08 -38.35 -17.83
C THR D 14 -12.67 -36.96 -17.40
N ILE D 15 -12.52 -36.06 -18.37
CA ILE D 15 -12.29 -34.65 -18.07
C ILE D 15 -13.29 -34.17 -17.01
N GLY D 16 -12.78 -33.56 -15.94
CA GLY D 16 -13.63 -33.01 -14.90
C GLY D 16 -13.79 -33.89 -13.67
N GLN D 17 -13.42 -35.16 -13.76
CA GLN D 17 -13.47 -36.07 -12.62
C GLN D 17 -12.25 -35.85 -11.73
N PRO D 18 -12.37 -36.18 -10.43
CA PRO D 18 -11.18 -36.12 -9.57
C PRO D 18 -10.28 -37.33 -9.83
N ALA D 19 -9.01 -37.24 -9.43
CA ALA D 19 -8.10 -38.39 -9.50
C ALA D 19 -7.29 -38.47 -8.21
N SER D 20 -6.89 -39.67 -7.82
CA SER D 20 -6.09 -39.83 -6.61
C SER D 20 -5.04 -40.93 -6.81
N ILE D 21 -3.80 -40.66 -6.38
CA ILE D 21 -2.68 -41.58 -6.52
C ILE D 21 -2.02 -41.75 -5.16
N ALA D 22 -1.66 -42.98 -4.82
CA ALA D 22 -1.04 -43.23 -3.51
C ALA D 22 0.42 -43.62 -3.70
N CYS D 23 1.25 -43.23 -2.74
CA CYS D 23 2.65 -43.65 -2.71
C CYS D 23 2.93 -44.15 -1.32
N LYS D 24 3.52 -45.33 -1.19
CA LYS D 24 3.94 -45.81 0.12
C LYS D 24 5.41 -46.16 0.11
N SER D 25 6.13 -45.73 1.15
CA SER D 25 7.56 -45.94 1.20
C SER D 25 7.91 -47.04 2.21
N SER D 26 8.96 -47.79 1.93
CA SER D 26 9.31 -48.90 2.81
C SER D 26 9.94 -48.39 4.12
N GLN D 27 10.29 -47.11 4.16
CA GLN D 27 10.81 -46.49 5.37
C GLN D 27 10.23 -45.10 5.51
N SER D 28 10.07 -44.64 6.75
CA SER D 28 9.62 -43.27 6.99
C SER D 28 10.51 -42.25 6.29
N LEU D 29 9.89 -41.20 5.74
CA LEU D 29 10.62 -40.21 4.97
C LEU D 29 10.85 -38.94 5.79
N LEU D 30 10.46 -38.99 7.06
CA LEU D 30 10.76 -37.92 7.99
C LEU D 30 12.25 -37.95 8.34
N ASP D 31 12.96 -36.90 7.95
CA ASP D 31 14.41 -36.77 8.15
C ASP D 31 14.68 -36.39 9.60
N SER D 32 15.91 -36.62 10.07
CA SER D 32 16.29 -36.23 11.43
C SER D 32 16.28 -34.71 11.60
N ASP D 33 16.25 -33.96 10.49
CA ASP D 33 16.08 -32.52 10.56
C ASP D 33 14.61 -32.09 10.62
N GLY D 34 13.70 -33.06 10.73
CA GLY D 34 12.28 -32.74 10.86
C GLY D 34 11.59 -32.44 9.53
N LYS D 35 12.29 -32.67 8.42
CA LYS D 35 11.67 -32.40 7.13
C LYS D 35 11.41 -33.71 6.39
N THR D 36 10.38 -33.71 5.57
CA THR D 36 10.01 -34.89 4.78
C THR D 36 10.12 -34.55 3.29
N TYR D 37 11.15 -35.05 2.63
CA TYR D 37 11.40 -34.72 1.24
C TYR D 37 10.69 -35.64 0.29
N LEU D 38 9.36 -35.52 0.26
CA LEU D 38 8.55 -36.32 -0.65
C LEU D 38 8.05 -35.42 -1.79
N ASN D 39 8.44 -35.75 -3.01
CA ASN D 39 8.10 -34.96 -4.18
C ASN D 39 7.14 -35.70 -5.09
N TRP D 40 6.31 -34.97 -5.82
CA TRP D 40 5.53 -35.56 -6.91
C TRP D 40 5.94 -34.92 -8.23
N LEU D 41 6.28 -35.75 -9.20
CA LEU D 41 6.66 -35.28 -10.52
C LEU D 41 5.61 -35.71 -11.55
N LEU D 42 5.48 -34.95 -12.63
CA LEU D 42 4.64 -35.36 -13.76
C LEU D 42 5.51 -35.32 -15.00
N GLN D 43 5.57 -36.42 -15.74
CA GLN D 43 6.32 -36.41 -16.99
C GLN D 43 5.37 -36.62 -18.16
N ARG D 44 5.17 -35.56 -18.96
CA ARG D 44 4.33 -35.68 -20.15
C ARG D 44 5.16 -36.34 -21.25
N PRO D 45 4.50 -37.07 -22.16
CA PRO D 45 5.26 -37.89 -23.12
C PRO D 45 6.24 -37.07 -23.99
N GLY D 46 7.47 -37.57 -24.12
CA GLY D 46 8.50 -36.89 -24.87
C GLY D 46 9.08 -35.64 -24.22
N GLN D 47 8.81 -35.43 -22.93
CA GLN D 47 9.27 -34.22 -22.24
C GLN D 47 10.03 -34.53 -20.97
N SER D 48 10.67 -33.51 -20.40
CA SER D 48 11.35 -33.67 -19.12
C SER D 48 10.30 -33.72 -18.03
N PRO D 49 10.62 -34.39 -16.92
CA PRO D 49 9.73 -34.36 -15.76
C PRO D 49 9.61 -32.93 -15.24
N LYS D 50 8.48 -32.60 -14.64
CA LYS D 50 8.39 -31.35 -13.89
C LYS D 50 7.87 -31.66 -12.51
N ARG D 51 8.20 -30.81 -11.53
CA ARG D 51 7.76 -31.08 -10.16
C ARG D 51 6.40 -30.44 -9.89
N LEU D 52 5.46 -31.21 -9.35
CA LEU D 52 4.15 -30.67 -8.96
C LEU D 52 4.18 -30.26 -7.49
N ILE D 53 4.75 -31.12 -6.66
CA ILE D 53 4.71 -30.97 -5.20
C ILE D 53 6.11 -31.22 -4.63
N TYR D 54 6.55 -30.38 -3.69
CA TYR D 54 7.73 -30.69 -2.90
C TYR D 54 7.33 -30.69 -1.43
N LEU D 55 8.19 -31.25 -0.58
CA LEU D 55 7.93 -31.34 0.87
C LEU D 55 6.50 -31.78 1.19
N VAL D 56 6.07 -32.87 0.55
CA VAL D 56 4.77 -33.51 0.82
C VAL D 56 3.52 -32.82 0.24
N SER D 57 3.41 -31.51 0.48
CA SER D 57 2.16 -30.80 0.23
C SER D 57 2.31 -29.41 -0.39
N LYS D 58 3.53 -28.99 -0.70
CA LYS D 58 3.71 -27.65 -1.24
C LYS D 58 3.75 -27.66 -2.74
N LEU D 59 2.95 -26.78 -3.32
CA LEU D 59 2.83 -26.59 -4.76
C LEU D 59 4.09 -25.91 -5.28
N ASP D 60 4.68 -26.47 -6.32
CA ASP D 60 5.86 -25.90 -6.95
C ASP D 60 5.47 -24.84 -7.99
N SER D 61 6.48 -24.25 -8.63
CA SER D 61 6.27 -23.11 -9.53
C SER D 61 5.37 -23.43 -10.70
N GLY D 62 4.37 -22.59 -10.91
CA GLY D 62 3.50 -22.72 -12.07
C GLY D 62 2.59 -23.95 -12.02
N VAL D 63 2.40 -24.51 -10.84
CA VAL D 63 1.49 -25.63 -10.66
C VAL D 63 0.12 -25.11 -10.16
N PRO D 64 -0.97 -25.45 -10.87
CA PRO D 64 -2.29 -24.97 -10.44
C PRO D 64 -2.79 -25.66 -9.15
N ASP D 65 -3.70 -25.02 -8.44
CA ASP D 65 -4.14 -25.52 -7.13
C ASP D 65 -5.11 -26.69 -7.21
N ARG D 66 -5.40 -27.15 -8.42
CA ARG D 66 -6.12 -28.42 -8.60
C ARG D 66 -5.34 -29.61 -8.05
N PHE D 67 -4.02 -29.44 -7.92
CA PHE D 67 -3.18 -30.51 -7.36
C PHE D 67 -2.98 -30.29 -5.87
N THR D 68 -3.23 -31.34 -5.09
CA THR D 68 -3.04 -31.29 -3.64
C THR D 68 -2.23 -32.49 -3.21
N GLY D 69 -1.17 -32.27 -2.45
CA GLY D 69 -0.43 -33.39 -1.90
C GLY D 69 -0.67 -33.52 -0.41
N SER D 70 -0.66 -34.75 0.09
CA SER D 70 -0.86 -34.98 1.53
C SER D 70 -0.20 -36.27 2.00
N GLY D 71 -0.18 -36.46 3.32
CA GLY D 71 0.37 -37.68 3.92
C GLY D 71 1.48 -37.40 4.91
N SER D 72 2.11 -38.45 5.42
CA SER D 72 3.24 -38.30 6.35
C SER D 72 3.93 -39.63 6.59
N GLY D 73 5.21 -39.58 6.91
CA GLY D 73 5.91 -40.80 7.31
C GLY D 73 6.17 -41.73 6.15
N THR D 74 5.30 -42.74 5.98
CA THR D 74 5.46 -43.71 4.91
C THR D 74 4.26 -43.71 3.95
N ASP D 75 3.30 -42.83 4.15
CA ASP D 75 2.08 -42.88 3.34
C ASP D 75 1.67 -41.53 2.73
N PHE D 76 1.61 -41.45 1.39
CA PHE D 76 1.40 -40.16 0.74
C PHE D 76 0.38 -40.21 -0.37
N THR D 77 -0.30 -39.10 -0.59
CA THR D 77 -1.31 -39.05 -1.65
C THR D 77 -1.22 -37.79 -2.48
N LEU D 78 -1.34 -37.95 -3.79
CA LEU D 78 -1.54 -36.82 -4.69
C LEU D 78 -2.97 -36.85 -5.25
N LYS D 79 -3.68 -35.73 -5.15
CA LYS D 79 -5.04 -35.66 -5.68
C LYS D 79 -5.18 -34.56 -6.71
N ILE D 80 -6.02 -34.81 -7.71
CA ILE D 80 -6.39 -33.78 -8.67
C ILE D 80 -7.88 -33.51 -8.48
N SER D 81 -8.23 -32.27 -8.14
CA SER D 81 -9.62 -31.92 -7.87
C SER D 81 -10.51 -32.21 -9.06
N ARG D 82 -10.16 -31.62 -10.20
CA ARG D 82 -10.80 -31.95 -11.47
C ARG D 82 -9.76 -32.09 -12.56
N VAL D 83 -9.74 -33.24 -13.22
CA VAL D 83 -8.76 -33.54 -14.26
C VAL D 83 -8.99 -32.72 -15.52
N GLU D 84 -7.91 -32.24 -16.13
CA GLU D 84 -8.00 -31.53 -17.40
C GLU D 84 -7.19 -32.26 -18.45
N ALA D 85 -7.46 -31.97 -19.71
CA ALA D 85 -6.85 -32.63 -20.84
C ALA D 85 -5.32 -32.73 -20.76
N GLU D 86 -4.68 -31.66 -20.32
CA GLU D 86 -3.22 -31.59 -20.25
C GLU D 86 -2.60 -32.32 -19.05
N ASP D 87 -3.43 -32.85 -18.16
CA ASP D 87 -2.91 -33.55 -16.99
C ASP D 87 -2.41 -34.96 -17.33
N LEU D 88 -2.55 -35.36 -18.58
CA LEU D 88 -2.17 -36.71 -18.96
C LEU D 88 -0.66 -36.89 -18.94
N GLY D 89 -0.21 -38.12 -18.71
CA GLY D 89 1.21 -38.43 -18.64
C GLY D 89 1.46 -39.39 -17.49
N VAL D 90 2.71 -39.53 -17.08
CA VAL D 90 3.07 -40.43 -15.98
C VAL D 90 3.47 -39.64 -14.73
N TYR D 91 2.82 -39.96 -13.60
CA TYR D 91 3.13 -39.34 -12.30
C TYR D 91 4.09 -40.19 -11.49
N TYR D 92 5.14 -39.58 -10.96
CA TYR D 92 6.12 -40.28 -10.13
C TYR D 92 6.23 -39.66 -8.76
N CYS D 93 6.23 -40.48 -7.70
CA CYS D 93 6.69 -40.00 -6.42
C CYS D 93 8.20 -40.22 -6.39
N TRP D 94 8.86 -39.44 -5.56
CA TRP D 94 10.31 -39.42 -5.50
C TRP D 94 10.70 -38.95 -4.10
N GLN D 95 11.43 -39.77 -3.36
CA GLN D 95 11.86 -39.37 -2.02
C GLN D 95 13.28 -38.83 -2.12
N GLY D 96 13.53 -37.69 -1.50
CA GLY D 96 14.89 -37.14 -1.47
C GLY D 96 15.39 -37.01 -0.03
N THR D 97 14.88 -37.86 0.84
CA THR D 97 15.30 -37.89 2.25
C THR D 97 16.52 -38.79 2.49
N HIS D 98 16.52 -39.97 1.89
CA HIS D 98 17.55 -40.98 2.12
C HIS D 98 18.38 -41.23 0.86
N PHE D 99 19.68 -41.47 1.02
CA PHE D 99 20.52 -41.80 -0.12
C PHE D 99 20.54 -43.30 -0.28
N PRO D 100 20.36 -43.79 -1.51
CA PRO D 100 20.12 -43.07 -2.78
C PRO D 100 18.69 -42.59 -2.94
N TYR D 101 18.47 -41.46 -3.60
CA TYR D 101 17.11 -41.00 -3.88
C TYR D 101 16.45 -42.09 -4.69
N THR D 102 15.16 -42.31 -4.50
CA THR D 102 14.46 -43.37 -5.22
C THR D 102 13.10 -42.88 -5.71
N PHE D 103 12.61 -43.51 -6.77
CA PHE D 103 11.35 -43.10 -7.39
C PHE D 103 10.39 -44.27 -7.36
N GLY D 104 9.10 -43.98 -7.33
CA GLY D 104 8.09 -45.03 -7.52
C GLY D 104 8.08 -45.40 -9.00
N GLY D 105 7.33 -46.44 -9.35
CA GLY D 105 7.38 -46.99 -10.69
C GLY D 105 6.53 -46.24 -11.69
N GLY D 106 5.71 -45.32 -11.18
CA GLY D 106 4.93 -44.44 -12.03
C GLY D 106 3.45 -44.80 -12.10
N THR D 107 2.62 -43.78 -12.28
CA THR D 107 1.19 -43.97 -12.53
C THR D 107 0.82 -43.26 -13.82
N LYS D 108 0.35 -44.02 -14.80
CA LYS D 108 -0.05 -43.44 -16.07
C LYS D 108 -1.49 -42.96 -16.04
N LEU D 109 -1.69 -41.66 -16.21
CA LEU D 109 -3.05 -41.11 -16.29
C LEU D 109 -3.48 -40.99 -17.74
N GLU D 110 -4.59 -41.66 -18.07
CA GLU D 110 -5.16 -41.61 -19.41
C GLU D 110 -6.54 -40.98 -19.36
N ILE D 111 -6.92 -40.28 -20.42
CA ILE D 111 -8.23 -39.63 -20.47
C ILE D 111 -9.27 -40.47 -21.19
N LYS D 112 -10.47 -40.57 -20.63
CA LYS D 112 -11.61 -41.14 -21.34
C LYS D 112 -12.38 -40.02 -22.05
N ARG D 113 -12.72 -40.25 -23.32
CA ARG D 113 -13.54 -39.28 -24.06
C ARG D 113 -14.49 -40.01 -25.01
N ALA D 114 -15.29 -39.25 -25.75
CA ALA D 114 -16.21 -39.84 -26.73
C ALA D 114 -15.47 -40.39 -27.93
N ASP D 115 -16.07 -41.38 -28.58
CA ASP D 115 -15.47 -41.97 -29.78
C ASP D 115 -15.29 -40.92 -30.87
N ALA D 116 -14.28 -41.11 -31.72
CA ALA D 116 -14.09 -40.20 -32.84
C ALA D 116 -13.47 -41.00 -33.96
N ALA D 117 -13.91 -40.73 -35.19
CA ALA D 117 -13.44 -41.47 -36.35
C ALA D 117 -12.13 -40.90 -36.85
N PRO D 118 -11.29 -41.75 -37.44
CA PRO D 118 -10.00 -41.27 -37.95
C PRO D 118 -10.19 -40.44 -39.22
N THR D 119 -9.33 -39.44 -39.38
CA THR D 119 -9.20 -38.73 -40.64
C THR D 119 -7.99 -39.36 -41.38
N VAL D 120 -8.25 -39.95 -42.53
CA VAL D 120 -7.26 -40.76 -43.23
C VAL D 120 -6.78 -40.04 -44.49
N SER D 121 -5.47 -39.92 -44.63
CA SER D 121 -4.85 -39.26 -45.79
C SER D 121 -3.76 -40.18 -46.35
N ILE D 122 -3.70 -40.37 -47.66
CA ILE D 122 -2.65 -41.21 -48.22
C ILE D 122 -1.74 -40.38 -49.12
N PHE D 123 -0.45 -40.66 -49.11
CA PHE D 123 0.52 -39.87 -49.87
C PHE D 123 1.43 -40.76 -50.72
N PRO D 124 1.47 -40.50 -52.04
CA PRO D 124 2.41 -41.22 -52.91
C PRO D 124 3.86 -40.85 -52.58
N PRO D 125 4.82 -41.68 -53.01
CA PRO D 125 6.23 -41.33 -52.85
C PRO D 125 6.52 -39.95 -53.45
N SER D 126 7.42 -39.20 -52.82
CA SER D 126 7.80 -37.91 -53.38
C SER D 126 8.81 -38.11 -54.52
N SER D 127 8.82 -37.20 -55.49
CA SER D 127 9.75 -37.32 -56.60
C SER D 127 11.19 -37.33 -56.11
N GLU D 128 11.48 -36.57 -55.06
CA GLU D 128 12.83 -36.59 -54.47
C GLU D 128 13.26 -37.97 -53.97
N GLN D 129 12.32 -38.72 -53.40
CA GLN D 129 12.66 -40.06 -52.91
C GLN D 129 12.80 -41.05 -54.07
N LEU D 130 11.89 -40.95 -55.04
CA LEU D 130 11.94 -41.78 -56.24
C LEU D 130 13.27 -41.59 -56.96
N THR D 131 13.67 -40.32 -57.06
CA THR D 131 14.95 -39.94 -57.66
C THR D 131 16.14 -40.70 -57.06
N SER D 132 16.06 -41.03 -55.77
CA SER D 132 17.15 -41.76 -55.14
C SER D 132 16.89 -43.27 -55.02
N GLY D 133 15.88 -43.76 -55.73
CA GLY D 133 15.66 -45.20 -55.83
C GLY D 133 14.75 -45.84 -54.79
N GLY D 134 14.22 -45.04 -53.87
CA GLY D 134 13.31 -45.57 -52.86
C GLY D 134 11.89 -45.11 -53.12
N ALA D 135 10.93 -45.80 -52.50
CA ALA D 135 9.53 -45.37 -52.61
C ALA D 135 8.76 -45.71 -51.34
N SER D 136 8.44 -44.69 -50.53
CA SER D 136 7.63 -44.92 -49.35
C SER D 136 6.24 -44.35 -49.56
N VAL D 137 5.22 -45.18 -49.34
CA VAL D 137 3.84 -44.69 -49.42
C VAL D 137 3.34 -44.46 -48.00
N VAL D 138 2.86 -43.26 -47.72
CA VAL D 138 2.52 -42.89 -46.35
C VAL D 138 1.02 -42.70 -46.16
N CYS D 139 0.50 -43.27 -45.07
CA CYS D 139 -0.90 -43.11 -44.72
C CYS D 139 -0.99 -42.59 -43.28
N PHE D 140 -1.68 -41.48 -43.10
CA PHE D 140 -1.93 -40.92 -41.77
C PHE D 140 -3.36 -41.22 -41.35
N LEU D 141 -3.55 -41.65 -40.12
CA LEU D 141 -4.86 -41.90 -39.57
C LEU D 141 -4.93 -41.08 -38.29
N ASN D 142 -5.57 -39.91 -38.37
CA ASN D 142 -5.39 -38.88 -37.36
C ASN D 142 -6.62 -38.62 -36.51
N ASN D 143 -6.37 -38.35 -35.23
CA ASN D 143 -7.37 -37.86 -34.30
C ASN D 143 -8.56 -38.79 -34.14
N PHE D 144 -8.29 -40.01 -33.70
CA PHE D 144 -9.35 -40.97 -33.47
C PHE D 144 -9.40 -41.42 -32.00
N TYR D 145 -10.50 -42.05 -31.64
CA TYR D 145 -10.70 -42.59 -30.29
C TYR D 145 -11.82 -43.61 -30.34
N PRO D 146 -11.61 -44.78 -29.71
CA PRO D 146 -10.48 -45.22 -28.89
C PRO D 146 -9.25 -45.60 -29.73
N LYS D 147 -8.17 -46.00 -29.05
CA LYS D 147 -6.89 -46.16 -29.72
C LYS D 147 -6.80 -47.40 -30.60
N ASP D 148 -7.71 -48.35 -30.40
CA ASP D 148 -7.70 -49.58 -31.16
C ASP D 148 -8.16 -49.37 -32.61
N ILE D 149 -7.34 -49.82 -33.57
CA ILE D 149 -7.62 -49.56 -34.97
C ILE D 149 -6.82 -50.51 -35.85
N ASN D 150 -7.36 -50.82 -37.03
CA ASN D 150 -6.72 -51.74 -37.96
C ASN D 150 -6.43 -51.04 -39.29
N VAL D 151 -5.18 -51.13 -39.77
CA VAL D 151 -4.85 -50.65 -41.11
C VAL D 151 -4.43 -51.81 -42.02
N LYS D 152 -4.92 -51.78 -43.26
CA LYS D 152 -4.56 -52.78 -44.24
C LYS D 152 -4.17 -52.12 -45.56
N TRP D 153 -3.08 -52.59 -46.16
CA TRP D 153 -2.60 -52.07 -47.45
C TRP D 153 -2.95 -53.02 -48.58
N LYS D 154 -3.40 -52.46 -49.70
CA LYS D 154 -3.67 -53.24 -50.90
C LYS D 154 -2.96 -52.66 -52.10
N ILE D 155 -2.19 -53.49 -52.79
CA ILE D 155 -1.55 -53.11 -54.04
C ILE D 155 -2.25 -53.83 -55.18
N ASP D 156 -2.87 -53.04 -56.06
CA ASP D 156 -3.67 -53.57 -57.16
C ASP D 156 -4.69 -54.59 -56.65
N GLY D 157 -5.34 -54.24 -55.55
CA GLY D 157 -6.40 -55.06 -55.01
C GLY D 157 -5.90 -56.27 -54.25
N SER D 158 -4.60 -56.30 -53.98
CA SER D 158 -4.04 -57.45 -53.31
C SER D 158 -3.33 -57.04 -52.02
N GLU D 159 -3.68 -57.70 -50.92
CA GLU D 159 -3.17 -57.32 -49.60
C GLU D 159 -1.66 -57.46 -49.48
N ARG D 160 -1.04 -56.47 -48.84
CA ARG D 160 0.41 -56.42 -48.68
C ARG D 160 0.76 -56.20 -47.21
N GLN D 161 1.55 -57.12 -46.63
CA GLN D 161 2.00 -56.98 -45.25
C GLN D 161 3.47 -56.62 -45.21
N ASN D 162 4.20 -57.09 -46.22
CA ASN D 162 5.64 -56.89 -46.32
C ASN D 162 6.02 -55.42 -46.54
N GLY D 163 6.92 -54.91 -45.71
CA GLY D 163 7.43 -53.57 -45.88
C GLY D 163 6.61 -52.50 -45.16
N VAL D 164 5.62 -52.94 -44.39
CA VAL D 164 4.75 -52.01 -43.67
C VAL D 164 5.24 -51.79 -42.23
N LEU D 165 5.50 -50.54 -41.86
CA LEU D 165 5.81 -50.20 -40.48
C LEU D 165 4.83 -49.14 -39.96
N ASN D 166 4.31 -49.36 -38.76
CA ASN D 166 3.32 -48.48 -38.15
C ASN D 166 3.88 -47.78 -36.92
N SER D 167 3.33 -46.60 -36.62
CA SER D 167 3.77 -45.79 -35.49
C SER D 167 2.54 -45.09 -34.91
N TRP D 168 2.40 -45.10 -33.58
CA TRP D 168 1.25 -44.48 -32.93
C TRP D 168 1.68 -43.33 -32.04
N THR D 169 0.95 -42.21 -32.04
CA THR D 169 1.28 -41.14 -31.09
C THR D 169 0.78 -41.52 -29.70
N ASP D 170 1.31 -40.85 -28.68
CA ASP D 170 0.72 -40.87 -27.35
C ASP D 170 -0.56 -40.06 -27.41
N GLN D 171 -1.46 -40.25 -26.43
CA GLN D 171 -2.70 -39.51 -26.36
C GLN D 171 -2.47 -38.00 -26.46
N ASP D 172 -3.32 -37.31 -27.21
CA ASP D 172 -3.13 -35.87 -27.47
C ASP D 172 -3.47 -35.01 -26.26
N SER D 173 -2.61 -34.06 -25.97
CA SER D 173 -2.74 -33.26 -24.75
C SER D 173 -3.90 -32.26 -24.81
N LYS D 174 -4.46 -32.03 -26.00
CA LYS D 174 -5.56 -31.07 -26.15
C LYS D 174 -6.91 -31.73 -26.35
N ASP D 175 -6.99 -32.64 -27.31
CA ASP D 175 -8.29 -33.24 -27.62
C ASP D 175 -8.42 -34.69 -27.19
N SER D 176 -7.36 -35.21 -26.56
CA SER D 176 -7.36 -36.55 -25.95
C SER D 176 -7.52 -37.69 -26.95
N THR D 177 -7.27 -37.41 -28.23
CA THR D 177 -7.37 -38.46 -29.25
C THR D 177 -6.02 -39.12 -29.55
N TYR D 178 -6.06 -40.09 -30.45
CA TYR D 178 -4.86 -40.81 -30.87
C TYR D 178 -4.68 -40.64 -32.39
N SER D 179 -3.46 -40.85 -32.86
CA SER D 179 -3.14 -40.85 -34.30
C SER D 179 -2.14 -41.94 -34.61
N MET D 180 -2.12 -42.37 -35.86
CA MET D 180 -1.19 -43.41 -36.26
C MET D 180 -0.67 -43.13 -37.67
N SER D 181 0.57 -43.48 -37.95
CA SER D 181 1.08 -43.42 -39.31
C SER D 181 1.44 -44.80 -39.76
N SER D 182 1.11 -45.11 -41.01
CA SER D 182 1.48 -46.40 -41.60
C SER D 182 2.27 -46.12 -42.88
N THR D 183 3.43 -46.76 -42.99
CA THR D 183 4.34 -46.51 -44.11
C THR D 183 4.66 -47.80 -44.83
N LEU D 184 4.30 -47.86 -46.10
CA LEU D 184 4.67 -48.98 -46.94
C LEU D 184 5.91 -48.58 -47.75
N THR D 185 7.03 -49.24 -47.46
CA THR D 185 8.29 -48.91 -48.12
C THR D 185 8.72 -50.02 -49.07
N LEU D 186 8.99 -49.65 -50.31
CA LEU D 186 9.62 -50.57 -51.25
C LEU D 186 10.60 -49.82 -52.14
N THR D 187 11.26 -50.56 -53.03
CA THR D 187 12.20 -49.93 -53.94
C THR D 187 11.39 -49.22 -55.00
N LYS D 188 11.98 -48.24 -55.65
CA LYS D 188 11.30 -47.56 -56.73
C LYS D 188 10.91 -48.56 -57.83
N ASP D 189 11.81 -49.49 -58.16
CA ASP D 189 11.52 -50.44 -59.22
C ASP D 189 10.32 -51.31 -58.86
N GLU D 190 10.21 -51.67 -57.60
CA GLU D 190 9.06 -52.45 -57.15
C GLU D 190 7.78 -51.61 -57.16
N TYR D 191 7.89 -50.36 -56.77
CA TYR D 191 6.76 -49.42 -56.77
C TYR D 191 6.19 -49.24 -58.17
N GLU D 192 7.05 -49.18 -59.18
CA GLU D 192 6.60 -48.86 -60.53
C GLU D 192 5.98 -50.02 -61.30
N ARG D 193 5.89 -51.18 -60.66
CA ARG D 193 5.29 -52.37 -61.28
C ARG D 193 3.79 -52.43 -61.07
N HIS D 194 3.27 -51.52 -60.27
CA HIS D 194 1.87 -51.57 -59.90
C HIS D 194 1.24 -50.19 -59.99
N ASN D 195 -0.09 -50.17 -60.02
CA ASN D 195 -0.79 -48.92 -60.26
C ASN D 195 -1.60 -48.46 -59.04
N SER D 196 -2.42 -49.33 -58.48
CA SER D 196 -3.31 -48.92 -57.39
C SER D 196 -2.71 -49.14 -56.01
N TYR D 197 -2.63 -48.08 -55.23
CA TYR D 197 -2.19 -48.17 -53.83
C TYR D 197 -3.29 -47.69 -52.92
N THR D 198 -3.61 -48.50 -51.93
CA THR D 198 -4.78 -48.28 -51.07
C THR D 198 -4.42 -48.54 -49.62
N CYS D 199 -4.78 -47.62 -48.73
CA CYS D 199 -4.80 -47.99 -47.33
C CYS D 199 -6.23 -47.96 -46.79
N GLU D 200 -6.55 -48.98 -45.96
CA GLU D 200 -7.90 -49.19 -45.44
C GLU D 200 -7.86 -49.15 -43.92
N ALA D 201 -8.60 -48.20 -43.35
CA ALA D 201 -8.68 -48.06 -41.90
C ALA D 201 -10.02 -48.63 -41.43
N THR D 202 -9.95 -49.58 -40.50
CA THR D 202 -11.15 -50.08 -39.84
C THR D 202 -11.12 -49.71 -38.37
N HIS D 203 -12.15 -48.99 -37.93
CA HIS D 203 -12.25 -48.49 -36.55
C HIS D 203 -13.69 -48.72 -36.07
N LYS D 204 -13.92 -48.80 -34.77
CA LYS D 204 -15.26 -49.17 -34.27
C LYS D 204 -16.34 -48.12 -34.54
N THR D 205 -15.93 -46.93 -34.95
CA THR D 205 -16.85 -45.85 -35.24
C THR D 205 -17.71 -46.11 -36.48
N SER D 206 -17.35 -47.13 -37.24
CA SER D 206 -18.13 -47.57 -38.42
C SER D 206 -17.76 -48.99 -38.81
N THR D 207 -18.72 -49.75 -39.34
CA THR D 207 -18.41 -51.10 -39.84
C THR D 207 -17.82 -51.00 -41.26
N SER D 208 -17.95 -49.83 -41.87
CA SER D 208 -17.36 -49.64 -43.20
C SER D 208 -15.93 -49.13 -43.06
N PRO D 209 -14.97 -49.85 -43.66
CA PRO D 209 -13.58 -49.37 -43.62
C PRO D 209 -13.48 -48.04 -44.34
N ILE D 210 -12.53 -47.22 -43.93
CA ILE D 210 -12.26 -45.96 -44.63
C ILE D 210 -11.16 -46.23 -45.63
N VAL D 211 -11.47 -46.07 -46.91
CA VAL D 211 -10.53 -46.42 -47.98
C VAL D 211 -9.97 -45.18 -48.64
N LYS D 212 -8.65 -45.06 -48.66
CA LYS D 212 -8.00 -44.01 -49.43
C LYS D 212 -7.08 -44.67 -50.45
N SER D 213 -7.13 -44.18 -51.69
CA SER D 213 -6.39 -44.78 -52.80
C SER D 213 -5.83 -43.74 -53.73
N PHE D 214 -4.78 -44.10 -54.45
CA PHE D 214 -4.37 -43.31 -55.60
C PHE D 214 -3.88 -44.27 -56.67
N ASN D 215 -3.85 -43.80 -57.92
CA ASN D 215 -3.24 -44.56 -59.01
C ASN D 215 -1.91 -43.91 -59.41
N ARG D 216 -0.86 -44.74 -59.51
CA ARG D 216 0.53 -44.26 -59.66
C ARG D 216 0.78 -43.24 -60.78
N ASN D 217 0.18 -43.43 -61.95
CA ASN D 217 0.35 -42.42 -63.00
C ASN D 217 -0.76 -41.34 -63.03
N ALA D 218 -0.34 -40.10 -62.73
CA ALA D 218 -1.23 -38.94 -62.63
C ALA D 218 -2.63 -39.23 -62.06
N TYR E 2 10.83 21.23 -6.19
CA TYR E 2 11.95 22.16 -6.05
C TYR E 2 13.23 21.46 -5.55
N SER E 3 13.09 20.33 -4.85
CA SER E 3 14.27 19.61 -4.34
C SER E 3 15.00 18.80 -5.42
N LYS E 4 16.31 19.02 -5.52
CA LYS E 4 17.12 18.35 -6.53
C LYS E 4 17.53 16.93 -6.10
N ILE E 5 17.67 16.73 -4.79
CA ILE E 5 18.13 15.44 -4.28
C ILE E 5 16.99 14.50 -3.87
N LYS E 6 15.78 15.05 -3.78
CA LYS E 6 14.61 14.26 -3.39
C LYS E 6 14.39 13.08 -4.34
N GLU E 7 14.60 13.30 -5.64
CA GLU E 7 14.36 12.26 -6.63
C GLU E 7 15.27 11.06 -6.44
N CYS E 8 16.44 11.26 -5.85
CA CYS E 8 17.36 10.16 -5.59
C CYS E 8 16.70 9.08 -4.74
N PHE E 9 15.65 9.46 -4.01
CA PHE E 9 15.01 8.59 -3.04
C PHE E 9 13.79 7.87 -3.60
N ASP E 10 13.44 8.17 -4.85
CA ASP E 10 12.13 7.74 -5.35
C ASP E 10 11.98 6.25 -5.66
N SER E 11 12.99 5.65 -6.30
CA SER E 11 12.92 4.24 -6.66
C SER E 11 13.35 3.35 -5.49
N LEU E 12 13.69 3.97 -4.37
CA LEU E 12 14.31 3.29 -3.23
C LEU E 12 13.43 2.23 -2.62
N ALA E 13 12.16 2.56 -2.39
CA ALA E 13 11.24 1.64 -1.73
C ALA E 13 11.04 0.35 -2.54
N ASP E 14 10.93 0.49 -3.85
CA ASP E 14 10.72 -0.65 -4.72
C ASP E 14 11.98 -1.47 -4.95
N ASP E 15 13.12 -0.80 -5.03
CA ASP E 15 14.39 -1.50 -5.17
C ASP E 15 14.63 -2.43 -3.98
N VAL E 16 14.43 -1.92 -2.78
CA VAL E 16 14.59 -2.71 -1.57
C VAL E 16 13.61 -3.88 -1.56
N LYS E 17 12.35 -3.61 -1.86
CA LYS E 17 11.32 -4.66 -1.85
C LYS E 17 11.64 -5.76 -2.87
N SER E 18 12.11 -5.37 -4.03
CA SER E 18 12.54 -6.30 -5.05
C SER E 18 13.69 -7.21 -4.56
N LEU E 19 14.67 -6.60 -3.89
CA LEU E 19 15.80 -7.35 -3.35
C LEU E 19 15.35 -8.33 -2.26
N VAL E 20 14.44 -7.86 -1.40
CA VAL E 20 13.92 -8.69 -0.33
C VAL E 20 13.11 -9.86 -0.88
N GLU E 21 12.36 -9.62 -1.94
CA GLU E 21 11.60 -10.70 -2.56
C GLU E 21 12.48 -11.76 -3.23
N LYS E 22 13.60 -11.34 -3.80
CA LYS E 22 14.53 -12.30 -4.41
C LYS E 22 15.12 -13.17 -3.32
N SER E 23 15.41 -12.58 -2.16
CA SER E 23 15.99 -13.34 -1.06
C SER E 23 15.01 -14.39 -0.53
N GLU E 24 13.73 -14.03 -0.50
CA GLU E 24 12.69 -14.91 0.05
C GLU E 24 12.45 -16.07 -0.91
N THR E 25 12.49 -15.75 -2.19
CA THR E 25 12.45 -16.73 -3.24
C THR E 25 13.63 -17.72 -3.13
N SER E 26 14.83 -17.21 -2.86
CA SER E 26 15.99 -18.09 -2.74
C SER E 26 15.88 -18.96 -1.52
N TYR E 27 15.31 -18.44 -0.44
CA TYR E 27 15.18 -19.22 0.79
C TYR E 27 14.24 -20.39 0.53
N GLU E 28 13.15 -20.11 -0.20
CA GLU E 28 12.17 -21.13 -0.54
C GLU E 28 12.77 -22.18 -1.48
N GLU E 29 13.50 -21.72 -2.50
CA GLU E 29 14.20 -22.64 -3.40
C GLU E 29 15.14 -23.60 -2.65
N CYS E 30 15.92 -23.07 -1.71
CA CYS E 30 16.80 -23.93 -0.90
C CYS E 30 16.04 -24.97 -0.11
N SER E 31 14.85 -24.63 0.37
CA SER E 31 14.14 -25.49 1.31
C SER E 31 13.54 -26.70 0.61
N LYS E 32 13.40 -26.63 -0.71
CA LYS E 32 12.65 -27.65 -1.45
C LYS E 32 13.30 -29.03 -1.45
N ASP E 33 14.63 -29.06 -1.31
CA ASP E 33 15.40 -30.29 -1.43
C ASP E 33 16.56 -30.21 -0.44
N LYS E 34 17.24 -31.31 -0.19
CA LYS E 34 18.51 -31.22 0.56
C LYS E 34 19.50 -30.41 -0.26
N ASN E 35 20.30 -29.57 0.41
CA ASN E 35 21.30 -28.76 -0.27
C ASN E 35 22.44 -28.54 0.71
N ASN E 36 23.52 -27.92 0.24
CA ASN E 36 24.58 -27.45 1.12
C ASN E 36 23.97 -26.58 2.21
N PRO E 37 24.47 -26.68 3.46
CA PRO E 37 23.83 -25.91 4.53
C PRO E 37 24.06 -24.41 4.41
N HIS E 38 24.86 -23.98 3.46
CA HIS E 38 25.11 -22.56 3.21
C HIS E 38 24.22 -21.96 2.12
N CYS E 39 23.39 -22.79 1.50
CA CYS E 39 22.46 -22.35 0.45
C CYS E 39 21.69 -21.09 0.87
N GLY E 40 21.06 -21.13 2.04
CA GLY E 40 20.32 -19.99 2.53
C GLY E 40 21.20 -18.77 2.74
N SER E 41 22.34 -18.98 3.39
CA SER E 41 23.22 -17.87 3.74
C SER E 41 23.80 -17.21 2.49
N GLU E 42 23.86 -17.97 1.40
CA GLU E 42 24.25 -17.39 0.11
C GLU E 42 23.18 -16.43 -0.42
N GLY E 43 21.91 -16.80 -0.29
CA GLY E 43 20.83 -15.88 -0.61
C GLY E 43 20.92 -14.61 0.24
N THR E 44 21.24 -14.80 1.51
CA THR E 44 21.39 -13.67 2.43
C THR E 44 22.54 -12.76 2.02
N ARG E 45 23.62 -13.37 1.54
CA ARG E 45 24.80 -12.61 1.14
C ARG E 45 24.49 -11.79 -0.11
N GLU E 46 23.74 -12.38 -1.03
CA GLU E 46 23.33 -11.65 -2.23
C GLU E 46 22.43 -10.48 -1.86
N LEU E 47 21.59 -10.68 -0.86
CA LEU E 47 20.69 -9.63 -0.38
C LEU E 47 21.52 -8.48 0.19
N ASP E 48 22.38 -8.76 1.15
CA ASP E 48 23.21 -7.73 1.76
C ASP E 48 24.06 -6.97 0.74
N GLU E 49 24.60 -7.69 -0.24
CA GLU E 49 25.37 -7.04 -1.29
C GLU E 49 24.50 -6.11 -2.17
N GLY E 50 23.28 -6.55 -2.50
CA GLY E 50 22.38 -5.72 -3.27
C GLY E 50 21.99 -4.46 -2.49
N LEU E 51 21.74 -4.63 -1.19
CA LEU E 51 21.35 -3.52 -0.31
C LEU E 51 22.47 -2.49 -0.20
N ILE E 52 23.68 -2.99 0.01
CA ILE E 52 24.86 -2.13 0.12
C ILE E 52 25.12 -1.39 -1.20
N GLU E 53 24.94 -2.06 -2.32
CA GLU E 53 25.08 -1.43 -3.63
C GLU E 53 24.04 -0.34 -3.81
N ARG E 54 22.79 -0.64 -3.50
CA ARG E 54 21.71 0.33 -3.69
C ARG E 54 21.96 1.55 -2.81
N GLU E 55 22.49 1.30 -1.62
CA GLU E 55 22.79 2.37 -0.69
C GLU E 55 23.95 3.21 -1.20
N GLN E 56 24.95 2.55 -1.76
CA GLN E 56 26.09 3.26 -2.37
C GLN E 56 25.62 4.15 -3.50
N LYS E 57 24.70 3.64 -4.30
CA LYS E 57 24.14 4.37 -5.42
C LYS E 57 23.31 5.59 -4.97
N LEU E 58 22.67 5.48 -3.81
CA LEU E 58 21.90 6.59 -3.25
C LEU E 58 22.86 7.70 -2.82
N SER E 59 23.93 7.32 -2.13
CA SER E 59 24.94 8.28 -1.68
C SER E 59 25.58 9.00 -2.86
N ASP E 60 25.89 8.24 -3.91
CA ASP E 60 26.48 8.84 -5.11
C ASP E 60 25.52 9.79 -5.80
N CYS E 61 24.26 9.38 -5.92
CA CYS E 61 23.24 10.20 -6.57
C CYS E 61 23.03 11.54 -5.82
N ILE E 62 23.12 11.49 -4.50
CA ILE E 62 23.04 12.70 -3.67
C ILE E 62 24.24 13.62 -3.92
N VAL E 63 25.44 13.04 -3.90
CA VAL E 63 26.68 13.78 -4.13
C VAL E 63 26.66 14.49 -5.49
N GLU E 64 26.23 13.75 -6.51
CA GLU E 64 26.17 14.27 -7.87
C GLU E 64 25.13 15.39 -8.00
N LYS E 65 24.06 15.31 -7.21
CA LYS E 65 22.99 16.31 -7.25
C LYS E 65 23.25 17.49 -6.33
N ARG E 66 24.49 17.62 -5.86
CA ARG E 66 24.83 18.68 -4.93
C ARG E 66 26.31 19.06 -5.07
N LYS F 1 21.60 -18.37 8.44
CA LYS F 1 21.74 -17.00 8.91
C LYS F 1 20.91 -16.03 8.06
N TYR F 2 20.28 -15.05 8.72
CA TYR F 2 19.46 -14.07 8.03
C TYR F 2 20.09 -12.68 8.04
N SER F 3 19.60 -11.80 7.18
CA SER F 3 20.21 -10.49 7.00
C SER F 3 20.07 -9.64 8.26
N LYS F 4 21.20 -9.16 8.77
CA LYS F 4 21.17 -8.29 9.92
C LYS F 4 21.11 -6.81 9.51
N ILE F 5 21.42 -6.51 8.25
CA ILE F 5 21.40 -5.13 7.78
C ILE F 5 20.12 -4.80 7.04
N LYS F 6 19.34 -5.83 6.71
CA LYS F 6 18.04 -5.64 6.09
C LYS F 6 17.16 -4.77 6.98
N GLU F 7 17.32 -4.93 8.29
CA GLU F 7 16.51 -4.16 9.23
C GLU F 7 16.79 -2.66 9.16
N CYS F 8 18.01 -2.29 8.74
CA CYS F 8 18.39 -0.89 8.61
C CYS F 8 17.47 -0.12 7.69
N PHE F 9 16.84 -0.84 6.77
CA PHE F 9 15.99 -0.24 5.75
C PHE F 9 14.51 -0.25 6.17
N ASP F 10 14.24 -0.78 7.37
CA ASP F 10 12.84 -0.93 7.82
C ASP F 10 12.03 0.39 7.84
N SER F 11 12.54 1.39 8.54
CA SER F 11 11.79 2.64 8.74
C SER F 11 12.05 3.65 7.62
N LEU F 12 12.89 3.26 6.67
CA LEU F 12 13.42 4.19 5.66
C LEU F 12 12.32 4.86 4.82
N ALA F 13 11.44 4.05 4.27
CA ALA F 13 10.36 4.56 3.42
C ALA F 13 9.39 5.48 4.16
N ASP F 14 9.03 5.11 5.38
CA ASP F 14 8.11 5.93 6.17
C ASP F 14 8.76 7.21 6.66
N ASP F 15 10.06 7.14 6.96
CA ASP F 15 10.81 8.33 7.35
C ASP F 15 10.88 9.33 6.19
N VAL F 16 11.17 8.83 4.99
CA VAL F 16 11.21 9.68 3.79
C VAL F 16 9.85 10.29 3.50
N LYS F 17 8.79 9.50 3.70
CA LYS F 17 7.42 9.98 3.50
C LYS F 17 7.09 11.10 4.49
N SER F 18 7.52 10.95 5.74
CA SER F 18 7.32 11.99 6.74
C SER F 18 7.98 13.30 6.35
N LEU F 19 9.25 13.21 5.93
CA LEU F 19 10.01 14.40 5.51
C LEU F 19 9.36 15.10 4.31
N VAL F 20 8.94 14.32 3.32
CA VAL F 20 8.31 14.87 2.13
C VAL F 20 6.96 15.51 2.47
N GLU F 21 6.20 14.85 3.36
CA GLU F 21 4.93 15.39 3.86
C GLU F 21 5.18 16.76 4.48
N LYS F 22 6.14 16.82 5.40
CA LYS F 22 6.54 18.06 6.02
C LYS F 22 6.81 19.18 4.99
N SER F 23 7.54 18.85 3.92
CA SER F 23 7.85 19.85 2.92
C SER F 23 6.59 20.31 2.20
N GLU F 24 5.67 19.37 1.93
CA GLU F 24 4.43 19.70 1.23
C GLU F 24 3.50 20.53 2.11
N THR F 25 3.54 20.26 3.42
CA THR F 25 2.81 21.07 4.39
C THR F 25 3.35 22.52 4.40
N SER F 26 4.65 22.66 4.41
CA SER F 26 5.24 24.00 4.41
C SER F 26 4.95 24.77 3.12
N TYR F 27 4.98 24.08 1.99
CA TYR F 27 4.64 24.72 0.71
C TYR F 27 3.21 25.22 0.75
N GLU F 28 2.33 24.42 1.35
CA GLU F 28 0.93 24.79 1.47
C GLU F 28 0.79 26.03 2.37
N GLU F 29 1.50 26.03 3.50
CA GLU F 29 1.48 27.16 4.42
C GLU F 29 1.92 28.45 3.75
N CYS F 30 2.92 28.36 2.88
CA CYS F 30 3.42 29.53 2.16
C CYS F 30 2.36 30.10 1.24
N SER F 31 1.53 29.23 0.67
CA SER F 31 0.58 29.65 -0.35
C SER F 31 -0.71 30.26 0.22
N LYS F 32 -0.95 30.09 1.53
CA LYS F 32 -2.21 30.56 2.13
C LYS F 32 -2.32 32.10 2.10
N ASP F 33 -1.17 32.77 2.15
CA ASP F 33 -1.14 34.22 2.29
C ASP F 33 0.01 34.72 1.44
N LYS F 34 0.00 36.00 1.07
CA LYS F 34 1.18 36.57 0.43
C LYS F 34 2.33 36.44 1.40
N ASN F 35 3.51 36.12 0.88
CA ASN F 35 4.72 35.94 1.66
C ASN F 35 5.91 36.28 0.77
N ASN F 36 7.09 36.33 1.37
CA ASN F 36 8.33 36.53 0.64
C ASN F 36 8.46 35.39 -0.38
N PRO F 37 8.94 35.71 -1.60
CA PRO F 37 9.06 34.73 -2.68
C PRO F 37 9.94 33.55 -2.29
N HIS F 38 10.77 33.69 -1.26
CA HIS F 38 11.69 32.61 -0.87
C HIS F 38 11.12 31.68 0.19
N CYS F 39 9.87 31.93 0.60
CA CYS F 39 9.23 31.14 1.65
C CYS F 39 9.23 29.66 1.29
N GLY F 40 8.80 29.34 0.07
CA GLY F 40 8.79 27.97 -0.39
C GLY F 40 10.19 27.34 -0.44
N SER F 41 11.15 28.11 -0.93
CA SER F 41 12.54 27.68 -0.97
C SER F 41 13.08 27.21 0.39
N GLU F 42 12.72 27.89 1.48
CA GLU F 42 13.27 27.55 2.80
C GLU F 42 12.78 26.19 3.32
N GLY F 43 11.58 25.79 2.89
CA GLY F 43 11.05 24.47 3.24
C GLY F 43 11.76 23.38 2.47
N THR F 44 12.12 23.69 1.24
CA THR F 44 12.90 22.79 0.41
C THR F 44 14.27 22.53 1.05
N ARG F 45 14.91 23.59 1.52
CA ARG F 45 16.19 23.49 2.21
C ARG F 45 16.11 22.58 3.45
N GLU F 46 15.00 22.67 4.18
CA GLU F 46 14.84 21.86 5.39
C GLU F 46 14.64 20.39 5.03
N LEU F 47 13.95 20.15 3.92
CA LEU F 47 13.73 18.80 3.39
C LEU F 47 15.06 18.14 2.99
N ASP F 48 15.84 18.83 2.17
CA ASP F 48 17.14 18.31 1.74
C ASP F 48 18.00 17.97 2.96
N GLU F 49 17.94 18.83 3.97
CA GLU F 49 18.68 18.61 5.20
C GLU F 49 18.26 17.31 5.88
N GLY F 50 16.95 17.07 5.93
CA GLY F 50 16.44 15.89 6.61
C GLY F 50 16.76 14.60 5.87
N LEU F 51 16.81 14.68 4.54
CA LEU F 51 17.09 13.52 3.70
C LEU F 51 18.54 13.10 3.84
N ILE F 52 19.44 14.08 3.86
CA ILE F 52 20.86 13.79 4.02
C ILE F 52 21.09 13.18 5.38
N GLU F 53 20.33 13.68 6.35
CA GLU F 53 20.44 13.20 7.71
C GLU F 53 19.94 11.74 7.81
N ARG F 54 18.89 11.41 7.07
CA ARG F 54 18.32 10.07 7.14
C ARG F 54 19.22 9.08 6.44
N GLU F 55 19.82 9.53 5.35
CA GLU F 55 20.74 8.71 4.59
C GLU F 55 21.99 8.43 5.42
N GLN F 56 22.48 9.44 6.13
CA GLN F 56 23.64 9.26 7.00
C GLN F 56 23.31 8.31 8.14
N LYS F 57 22.07 8.38 8.61
CA LYS F 57 21.62 7.48 9.67
C LYS F 57 21.64 6.05 9.15
N LEU F 58 21.18 5.87 7.91
CA LEU F 58 21.20 4.56 7.26
C LEU F 58 22.63 4.01 7.10
N SER F 59 23.52 4.86 6.59
CA SER F 59 24.93 4.45 6.47
C SER F 59 25.51 4.03 7.83
N ASP F 60 25.23 4.82 8.86
CA ASP F 60 25.68 4.48 10.22
C ASP F 60 25.15 3.13 10.71
N CYS F 61 23.87 2.87 10.47
CA CYS F 61 23.27 1.61 10.90
C CYS F 61 23.87 0.41 10.18
N ILE F 62 24.14 0.55 8.88
CA ILE F 62 24.74 -0.52 8.09
C ILE F 62 26.13 -0.91 8.60
N VAL F 63 26.99 0.09 8.77
CA VAL F 63 28.35 -0.10 9.30
C VAL F 63 28.31 -0.79 10.68
N GLU F 64 27.25 -0.53 11.42
CA GLU F 64 27.09 -1.02 12.77
C GLU F 64 26.97 -2.56 12.83
N LYS F 65 26.63 -3.18 11.70
CA LYS F 65 26.59 -4.65 11.58
C LYS F 65 27.78 -5.16 10.76
N ARG F 66 27.95 -4.57 9.58
CA ARG F 66 29.11 -4.82 8.72
C ARG F 66 30.36 -4.18 9.29
#